data_7TAZ
#
_entry.id   7TAZ
#
_cell.length_a   163.050
_cell.length_b   73.870
_cell.length_c   108.640
_cell.angle_alpha   90.000
_cell.angle_beta   99.960
_cell.angle_gamma   90.000
#
_symmetry.space_group_name_H-M   'C 1 2 1'
#
loop_
_entity.id
_entity.type
_entity.pdbx_description
1 polymer 'Reverse transcriptase/ribonuclease H'
2 polymer 'Reverse transcriptase p51'
3 non-polymer 2-[4-bromo-3-(3-chloro-5-cyanophenoxy)-2-fluorophenyl]-N-(2-chloro-4-sulfamoylphenyl)acetamide
4 water water
#
loop_
_entity_poly.entity_id
_entity_poly.type
_entity_poly.pdbx_seq_one_letter_code
_entity_poly.pdbx_strand_id
1 'polypeptide(L)'
;MVPISPIETVPVKLKPGMDGPKVKQWPLTEEKIKALVEICTEMEKEGKISKIGPENPYNTPVFAIKKKDSTKWRKLVDFR
ELNKRTQDFWEVQLGIPHPAGLKKKKSVTVLDVGDAYFSVPLDEDFRKYTAFTIPSINNETPGIRYQYNVLPQGWKGSPA
IFQSSMTKILEPFAAQNPDIVIYQYMDDLYVGSDLEIGQHRTKIEELRQHLLRWGLTTPDKKHQKEPPFLWMGYELHPDK
WTVQPIVLPEKDSWTVNDIQKLVGKLNWASQIYPGIKVRQLSKLLRGTKALTEVIPLTEEAELELAENREILKEPVHGVY
YDPSKDLIAEIQKQGQGQWTYQIYQEPFKNLKTGKYARMRGAHTNDVKQLTEAVQKITTESIVIWGKTPKFKLPIQKETW
ETWWTEYWQATWIPEWEFVNTPPLVKLWYQLEKEPIVGAETFYVDGAANRETKLGKAGYVTNKGRQKVVPLTNTTNQKTE
LQAIYLALQDSGLEVNIVTDSQYALGIIQAQPDKSESELVNQIIEQLIKKEKVYLAWVPAHKGIGGNEQVDKLVSAG
;
A
2 'polypeptide(L)'
;GPISPIETVPVKLKPGMDGPKVKQWPLTEEKIKALVEICTEMEKEGKISKIGPENPYNTPVFAIKKKDSTKWRKLVDFRE
LNKRTQDFWEVQLGIPHPAGLKKKKSVTVLDVGDAYFSVPLDEDFRKYTAFTIPSINNETPGIRYQYNVLPQGWKGSPAI
FQSSMTKILEPFKKQNPDIVIYQYMDDLYVGSDLEIGQHRTKIEELRQHLLRWGLTTPDKKHQKEPPFLWMGYELHPDKW
TVQPIVLPEKDSWTVNDIQKLVGKLNWASQIYPGIKVRQLSKLLRGTKALTEVIPLTEEAELELAENREILKEPVHGVYY
DPSKDLIAEIQKQGQGQWTYQIYQEPFKNLKTGKYARMRGAHTNDVKQLTEAVQKITTESIVIWGKTPKFKLPIQKETWE
TWWTEYWQATWIPEWEFVNTPPLVKLWYQ
;
B
#
loop_
_chem_comp.id
_chem_comp.type
_chem_comp.name
_chem_comp.formula
VM5 non-polymer 2-[4-bromo-3-(3-chloro-5-cyanophenoxy)-2-fluorophenyl]-N-(2-chloro-4-sulfamoylphenyl)acetamide 'C21 H13 Br Cl2 F N3 O4 S'
#
# COMPACT_ATOMS: atom_id res chain seq x y z
N MET A 1 -23.05 49.57 -14.68
CA MET A 1 -22.58 48.15 -14.73
C MET A 1 -21.04 48.11 -14.58
N VAL A 2 -20.55 47.49 -13.50
CA VAL A 2 -19.12 47.10 -13.31
C VAL A 2 -18.93 45.70 -13.90
N PRO A 3 -18.04 45.52 -14.90
CA PRO A 3 -17.88 44.24 -15.58
C PRO A 3 -17.33 43.17 -14.64
N ILE A 4 -18.14 42.17 -14.34
CA ILE A 4 -17.74 40.97 -13.55
C ILE A 4 -17.13 39.98 -14.56
N SER A 5 -16.02 39.33 -14.19
CA SER A 5 -15.41 38.21 -14.96
C SER A 5 -16.41 37.07 -14.96
N PRO A 6 -16.61 36.37 -16.11
CA PRO A 6 -17.47 35.19 -16.12
C PRO A 6 -16.71 33.97 -15.60
N ILE A 7 -17.42 33.01 -15.02
CA ILE A 7 -16.82 31.73 -14.56
C ILE A 7 -16.76 30.80 -15.78
N GLU A 8 -15.55 30.57 -16.29
CA GLU A 8 -15.27 29.61 -17.40
C GLU A 8 -16.00 28.29 -17.08
N THR A 9 -16.61 27.68 -18.10
CA THR A 9 -17.49 26.49 -17.98
C THR A 9 -16.62 25.24 -18.08
N VAL A 10 -17.02 24.16 -17.41
CA VAL A 10 -16.32 22.85 -17.39
C VAL A 10 -16.97 21.92 -18.40
N PRO A 11 -16.28 21.56 -19.52
CA PRO A 11 -16.82 20.61 -20.49
C PRO A 11 -17.32 19.32 -19.83
N VAL A 12 -18.60 18.99 -20.00
CA VAL A 12 -19.23 17.76 -19.43
C VAL A 12 -19.78 16.87 -20.57
N LYS A 13 -19.95 15.58 -20.31
CA LYS A 13 -20.37 14.55 -21.30
C LYS A 13 -21.07 13.38 -20.58
N LEU A 14 -21.95 12.68 -21.30
CA LEU A 14 -22.61 11.47 -20.76
C LEU A 14 -21.65 10.30 -20.94
N LYS A 15 -21.83 9.23 -20.16
CA LYS A 15 -20.99 8.00 -20.24
C LYS A 15 -20.90 7.56 -21.71
N PRO A 16 -19.85 6.79 -22.09
CA PRO A 16 -19.68 6.35 -23.47
C PRO A 16 -20.74 5.32 -23.90
N GLY A 17 -21.77 5.77 -24.63
CA GLY A 17 -22.86 4.94 -25.16
C GLY A 17 -24.21 5.28 -24.53
N MET A 18 -24.25 5.42 -23.19
CA MET A 18 -25.46 5.83 -22.42
C MET A 18 -25.97 7.17 -22.97
N ASP A 19 -27.28 7.29 -23.14
CA ASP A 19 -28.01 8.53 -23.51
C ASP A 19 -28.58 9.19 -22.25
N GLY A 20 -29.13 10.39 -22.39
CA GLY A 20 -29.77 11.14 -21.30
C GLY A 20 -30.98 10.39 -20.73
N PRO A 21 -31.70 11.00 -19.77
CA PRO A 21 -32.86 10.35 -19.16
C PRO A 21 -34.16 10.71 -19.88
N LYS A 22 -35.12 9.77 -19.89
CA LYS A 22 -36.56 10.03 -20.17
C LYS A 22 -37.38 9.36 -19.07
N VAL A 23 -37.66 10.11 -18.01
CA VAL A 23 -38.54 9.66 -16.88
C VAL A 23 -39.84 10.46 -16.96
N LYS A 24 -40.98 9.76 -16.88
CA LYS A 24 -42.35 10.34 -16.85
C LYS A 24 -42.41 11.34 -15.69
N GLN A 25 -42.92 12.55 -15.94
CA GLN A 25 -43.29 13.51 -14.87
C GLN A 25 -44.40 12.88 -14.02
N TRP A 26 -44.29 12.95 -12.69
CA TRP A 26 -45.31 12.44 -11.73
C TRP A 26 -46.52 13.38 -11.71
N PRO A 27 -47.76 12.84 -11.62
CA PRO A 27 -48.95 13.68 -11.48
C PRO A 27 -48.95 14.40 -10.13
N LEU A 28 -49.23 15.70 -10.13
CA LEU A 28 -49.13 16.57 -8.93
C LEU A 28 -50.48 17.23 -8.66
N THR A 29 -50.72 17.62 -7.40
CA THR A 29 -51.93 18.36 -6.95
C THR A 29 -51.92 19.75 -7.62
N GLU A 30 -53.06 20.44 -7.57
CA GLU A 30 -53.22 21.81 -8.14
C GLU A 30 -52.39 22.78 -7.30
N GLU A 31 -52.48 22.62 -5.98
CA GLU A 31 -51.71 23.35 -4.92
C GLU A 31 -50.22 23.38 -5.31
N LYS A 32 -49.64 22.20 -5.50
CA LYS A 32 -48.18 21.97 -5.78
C LYS A 32 -47.74 22.66 -7.09
N ILE A 33 -48.49 22.47 -8.18
CA ILE A 33 -48.12 23.02 -9.53
C ILE A 33 -47.99 24.55 -9.40
N LYS A 34 -48.98 25.17 -8.74
CA LYS A 34 -48.99 26.64 -8.54
C LYS A 34 -47.68 27.03 -7.85
N ALA A 35 -47.29 26.25 -6.84
CA ALA A 35 -46.09 26.51 -6.01
C ALA A 35 -44.83 26.50 -6.89
N LEU A 36 -44.69 25.49 -7.75
CA LEU A 36 -43.56 25.32 -8.68
C LEU A 36 -43.50 26.48 -9.67
N VAL A 37 -44.66 26.85 -10.22
CA VAL A 37 -44.72 27.85 -11.34
C VAL A 37 -44.20 29.18 -10.79
N GLU A 38 -44.52 29.48 -9.53
CA GLU A 38 -44.02 30.71 -8.86
C GLU A 38 -42.49 30.64 -8.74
N ILE A 39 -41.97 29.56 -8.14
CA ILE A 39 -40.50 29.32 -7.89
C ILE A 39 -39.76 29.42 -9.24
N CYS A 40 -40.18 28.63 -10.23
CA CYS A 40 -39.52 28.52 -11.57
C CYS A 40 -39.57 29.86 -12.32
N THR A 41 -40.51 30.75 -11.98
CA THR A 41 -40.60 32.12 -12.55
C THR A 41 -39.49 32.98 -11.92
N GLU A 42 -39.38 32.94 -10.58
CA GLU A 42 -38.34 33.66 -9.77
C GLU A 42 -36.95 33.17 -10.17
N MET A 43 -36.80 31.87 -10.43
CA MET A 43 -35.52 31.24 -10.88
C MET A 43 -35.20 31.73 -12.30
N GLU A 44 -36.18 31.70 -13.21
CA GLU A 44 -36.01 32.20 -14.60
C GLU A 44 -35.63 33.68 -14.57
N LYS A 45 -36.21 34.44 -13.65
CA LYS A 45 -36.01 35.91 -13.53
C LYS A 45 -34.62 36.21 -12.94
N GLU A 46 -33.82 35.17 -12.62
CA GLU A 46 -32.49 35.31 -11.98
C GLU A 46 -31.38 34.83 -12.92
N GLY A 47 -31.72 33.98 -13.92
CA GLY A 47 -30.79 33.48 -14.96
C GLY A 47 -30.52 31.97 -14.84
N LYS A 48 -31.06 31.33 -13.80
CA LYS A 48 -30.75 29.94 -13.36
C LYS A 48 -31.37 28.88 -14.28
N ILE A 49 -32.59 29.09 -14.76
CA ILE A 49 -33.26 28.11 -15.68
C ILE A 49 -33.80 28.85 -16.90
N SER A 50 -34.26 28.10 -17.90
CA SER A 50 -34.84 28.64 -19.16
C SER A 50 -35.87 27.65 -19.73
N LYS A 51 -36.93 28.22 -20.35
CA LYS A 51 -38.00 27.48 -21.05
C LYS A 51 -37.44 26.91 -22.35
N ILE A 52 -37.80 25.68 -22.68
CA ILE A 52 -37.31 24.99 -23.92
C ILE A 52 -38.51 24.60 -24.80
N GLY A 53 -38.28 24.43 -26.10
CA GLY A 53 -39.26 23.91 -27.07
C GLY A 53 -39.52 22.42 -26.83
N PRO A 54 -40.42 21.78 -27.62
CA PRO A 54 -40.80 20.38 -27.41
C PRO A 54 -39.84 19.33 -28.00
N GLU A 55 -38.90 19.75 -28.84
CA GLU A 55 -37.94 18.86 -29.55
C GLU A 55 -37.06 18.13 -28.51
N ASN A 56 -36.59 18.87 -27.48
CA ASN A 56 -35.87 18.30 -26.31
C ASN A 56 -36.65 17.11 -25.79
N PRO A 57 -36.16 15.87 -25.97
CA PRO A 57 -36.93 14.68 -25.57
C PRO A 57 -36.57 14.17 -24.18
N TYR A 58 -35.90 14.99 -23.38
CA TYR A 58 -35.26 14.60 -22.11
C TYR A 58 -36.14 15.07 -20.95
N ASN A 59 -36.51 14.15 -20.05
CA ASN A 59 -37.33 14.52 -18.87
C ASN A 59 -36.70 13.98 -17.58
N THR A 60 -36.46 14.90 -16.66
CA THR A 60 -36.15 14.64 -15.22
C THR A 60 -37.34 15.07 -14.38
N PRO A 61 -37.97 14.16 -13.58
CA PRO A 61 -39.15 14.51 -12.79
C PRO A 61 -38.85 15.65 -11.82
N VAL A 62 -39.90 16.37 -11.45
CA VAL A 62 -39.85 17.47 -10.47
C VAL A 62 -40.92 17.22 -9.41
N PHE A 63 -40.64 17.60 -8.16
CA PHE A 63 -41.55 17.49 -6.99
C PHE A 63 -41.52 18.79 -6.21
N ALA A 64 -42.57 19.02 -5.41
CA ALA A 64 -42.63 20.08 -4.40
C ALA A 64 -42.70 19.40 -3.03
N ILE A 65 -41.78 19.76 -2.13
CA ILE A 65 -41.80 19.32 -0.72
C ILE A 65 -41.98 20.56 0.16
N LYS A 66 -42.83 20.42 1.18
CA LYS A 66 -43.19 21.49 2.16
C LYS A 66 -42.13 21.48 3.28
N LYS A 67 -41.51 22.63 3.55
CA LYS A 67 -40.59 22.79 4.72
C LYS A 67 -41.42 22.74 6.01
N LYS A 68 -40.90 22.02 7.01
CA LYS A 68 -41.53 21.75 8.34
C LYS A 68 -42.08 23.06 8.94
N ASP A 69 -43.41 23.14 9.03
CA ASP A 69 -44.23 24.29 9.52
C ASP A 69 -43.75 25.60 8.86
N SER A 70 -43.54 25.54 7.54
CA SER A 70 -43.34 26.70 6.64
C SER A 70 -44.39 26.57 5.54
N THR A 71 -45.47 27.32 5.69
CA THR A 71 -46.57 27.41 4.69
C THR A 71 -45.90 27.99 3.46
N LYS A 72 -45.00 27.18 2.89
CA LYS A 72 -44.10 27.60 1.80
C LYS A 72 -43.53 26.31 1.22
N TRP A 73 -43.66 26.12 -0.10
CA TRP A 73 -43.06 24.94 -0.77
C TRP A 73 -41.62 25.26 -1.20
N ARG A 74 -40.81 24.22 -1.40
CA ARG A 74 -39.48 24.29 -2.05
C ARG A 74 -39.41 23.21 -3.15
N LYS A 75 -38.62 23.46 -4.20
CA LYS A 75 -38.61 22.65 -5.45
C LYS A 75 -37.48 21.61 -5.41
N LEU A 76 -37.83 20.35 -5.63
CA LEU A 76 -36.94 19.16 -5.67
C LEU A 76 -36.94 18.52 -7.07
N VAL A 77 -35.81 18.54 -7.77
CA VAL A 77 -35.61 17.83 -9.07
C VAL A 77 -34.88 16.50 -8.79
N ASP A 78 -35.49 15.37 -9.17
CA ASP A 78 -34.99 14.00 -8.90
C ASP A 78 -34.06 13.58 -10.06
N PHE A 79 -32.79 13.95 -9.95
CA PHE A 79 -31.73 13.77 -10.97
C PHE A 79 -31.11 12.37 -10.93
N ARG A 80 -31.54 11.52 -9.98
CA ARG A 80 -30.96 10.17 -9.70
C ARG A 80 -30.74 9.37 -10.99
N GLU A 81 -31.56 9.60 -12.01
CA GLU A 81 -31.43 8.93 -13.33
C GLU A 81 -30.33 9.61 -14.15
N LEU A 82 -30.34 10.93 -14.30
CA LEU A 82 -29.35 11.67 -15.13
C LEU A 82 -27.94 11.42 -14.59
N ASN A 83 -27.81 11.33 -13.26
CA ASN A 83 -26.54 11.05 -12.55
C ASN A 83 -25.92 9.74 -13.10
N LYS A 84 -26.68 8.64 -13.09
CA LYS A 84 -26.28 7.31 -13.63
C LYS A 84 -25.76 7.41 -15.07
N ARG A 85 -26.07 8.49 -15.81
CA ARG A 85 -25.77 8.61 -17.27
C ARG A 85 -24.71 9.68 -17.50
N THR A 86 -24.32 10.37 -16.43
CA THR A 86 -23.32 11.47 -16.44
C THR A 86 -21.94 10.82 -16.28
N GLN A 87 -20.91 11.34 -16.97
CA GLN A 87 -19.51 10.85 -16.88
C GLN A 87 -19.04 10.88 -15.41
N ASP A 88 -17.92 10.22 -15.14
CA ASP A 88 -17.24 10.31 -13.81
C ASP A 88 -16.48 11.64 -13.74
N PHE A 89 -16.34 12.17 -12.52
CA PHE A 89 -15.52 13.36 -12.18
C PHE A 89 -14.48 12.93 -11.14
N TRP A 90 -13.29 13.54 -11.16
CA TRP A 90 -12.32 13.42 -10.04
C TRP A 90 -13.02 13.86 -8.76
N GLU A 91 -12.97 13.06 -7.68
CA GLU A 91 -13.46 13.46 -6.33
C GLU A 91 -12.25 13.66 -5.42
N VAL A 92 -12.10 14.88 -4.88
CA VAL A 92 -10.98 15.27 -3.95
C VAL A 92 -11.51 15.24 -2.50
N GLN A 93 -12.84 15.32 -2.30
CA GLN A 93 -13.47 15.32 -0.95
C GLN A 93 -13.48 13.90 -0.34
N LEU A 94 -12.77 12.92 -0.93
CA LEU A 94 -12.59 11.58 -0.31
C LEU A 94 -12.24 11.81 1.17
N GLY A 95 -11.14 12.53 1.43
CA GLY A 95 -10.62 12.80 2.78
C GLY A 95 -10.93 14.21 3.24
N ILE A 96 -11.24 14.37 4.54
CA ILE A 96 -11.47 15.69 5.19
C ILE A 96 -10.28 15.96 6.10
N PRO A 97 -9.90 17.24 6.31
CA PRO A 97 -8.80 17.59 7.22
C PRO A 97 -9.02 16.96 8.60
N HIS A 98 -7.95 16.65 9.33
CA HIS A 98 -8.06 16.34 10.77
C HIS A 98 -7.68 17.56 11.60
N PRO A 99 -8.53 17.93 12.59
CA PRO A 99 -8.31 19.11 13.41
C PRO A 99 -6.91 19.15 14.04
N ALA A 100 -6.30 18.00 14.35
CA ALA A 100 -4.97 17.97 15.00
C ALA A 100 -3.90 18.41 14.01
N GLY A 101 -4.22 18.38 12.71
CA GLY A 101 -3.30 18.81 11.63
C GLY A 101 -3.24 20.32 11.46
N LEU A 102 -4.34 21.03 11.77
CA LEU A 102 -4.48 22.51 11.67
C LEU A 102 -3.41 23.21 12.50
N LYS A 103 -2.75 24.23 11.94
CA LYS A 103 -1.81 25.08 12.73
C LYS A 103 -2.67 26.18 13.35
N LYS A 104 -2.50 26.44 14.66
CA LYS A 104 -3.27 27.48 15.39
C LYS A 104 -3.02 28.82 14.71
N LYS A 105 -4.10 29.60 14.52
CA LYS A 105 -3.99 31.02 14.06
C LYS A 105 -4.70 31.93 15.06
N LYS A 106 -4.16 33.14 15.23
CA LYS A 106 -4.75 34.21 16.08
C LYS A 106 -6.21 34.42 15.67
N SER A 107 -6.48 34.56 14.37
CA SER A 107 -7.84 34.90 13.85
C SER A 107 -8.23 33.92 12.74
N VAL A 108 -9.45 33.39 12.84
CA VAL A 108 -10.08 32.51 11.81
C VAL A 108 -11.49 33.04 11.55
N THR A 109 -11.85 33.20 10.28
CA THR A 109 -13.22 33.56 9.84
C THR A 109 -13.74 32.48 8.88
N VAL A 110 -14.96 31.97 9.13
CA VAL A 110 -15.71 31.04 8.24
C VAL A 110 -16.68 31.86 7.39
N LEU A 111 -16.56 31.78 6.05
CA LEU A 111 -17.55 32.31 5.08
C LEU A 111 -18.17 31.14 4.31
N ASP A 112 -19.50 31.03 4.33
CA ASP A 112 -20.33 30.17 3.44
C ASP A 112 -20.80 30.99 2.23
N VAL A 113 -20.38 30.60 1.02
CA VAL A 113 -20.81 31.28 -0.24
C VAL A 113 -22.08 30.57 -0.71
N GLY A 114 -23.19 30.75 0.01
CA GLY A 114 -24.46 30.04 -0.19
C GLY A 114 -25.11 30.40 -1.52
N ASP A 115 -25.07 31.68 -1.89
CA ASP A 115 -25.59 32.20 -3.18
C ASP A 115 -24.73 31.67 -4.31
N ALA A 116 -23.41 31.86 -4.18
CA ALA A 116 -22.38 31.64 -5.24
C ALA A 116 -22.55 30.25 -5.88
N TYR A 117 -23.18 29.29 -5.19
CA TYR A 117 -23.37 27.89 -5.68
C TYR A 117 -23.98 27.80 -7.09
N PHE A 118 -25.04 28.56 -7.34
CA PHE A 118 -25.73 28.63 -8.65
C PHE A 118 -25.01 29.61 -9.56
N SER A 119 -24.24 30.55 -9.00
CA SER A 119 -23.45 31.55 -9.77
C SER A 119 -22.59 30.86 -10.84
N VAL A 120 -22.41 29.54 -10.75
CA VAL A 120 -21.49 28.77 -11.65
C VAL A 120 -22.28 28.16 -12.79
N PRO A 121 -21.98 28.61 -14.04
CA PRO A 121 -22.67 28.13 -15.23
C PRO A 121 -22.38 26.66 -15.53
N LEU A 122 -23.38 25.97 -16.09
CA LEU A 122 -23.30 24.59 -16.60
C LEU A 122 -22.72 24.67 -18.01
N ASP A 123 -22.22 23.55 -18.54
CA ASP A 123 -21.72 23.42 -19.94
C ASP A 123 -22.92 23.59 -20.89
N GLU A 124 -22.85 24.57 -21.81
CA GLU A 124 -23.90 24.88 -22.81
C GLU A 124 -24.44 23.58 -23.44
N ASP A 125 -23.55 22.70 -23.89
CA ASP A 125 -23.90 21.47 -24.66
C ASP A 125 -24.59 20.45 -23.74
N PHE A 126 -24.56 20.68 -22.43
CA PHE A 126 -25.06 19.71 -21.42
C PHE A 126 -26.41 20.13 -20.79
N ARG A 127 -26.74 21.43 -20.85
CA ARG A 127 -27.99 22.04 -20.29
C ARG A 127 -29.19 21.21 -20.77
N LYS A 128 -29.35 21.06 -22.09
CA LYS A 128 -30.48 20.34 -22.73
C LYS A 128 -30.80 19.08 -21.92
N TYR A 129 -29.79 18.39 -21.39
CA TYR A 129 -29.96 17.11 -20.64
C TYR A 129 -30.64 17.29 -19.26
N THR A 130 -30.75 18.52 -18.76
CA THR A 130 -31.29 18.79 -17.40
C THR A 130 -32.79 19.13 -17.46
N ALA A 131 -33.50 18.68 -18.50
CA ALA A 131 -34.89 19.12 -18.80
C ALA A 131 -35.84 18.47 -17.79
N PHE A 132 -36.72 19.30 -17.20
CA PHE A 132 -37.84 18.86 -16.31
C PHE A 132 -39.14 19.52 -16.80
N THR A 133 -40.30 18.96 -16.45
CA THR A 133 -41.63 19.49 -16.89
C THR A 133 -42.51 19.83 -15.68
N ILE A 134 -43.02 21.05 -15.63
CA ILE A 134 -44.15 21.46 -14.73
C ILE A 134 -45.47 21.09 -15.44
N PRO A 135 -46.17 19.99 -15.05
CA PRO A 135 -47.45 19.65 -15.68
C PRO A 135 -48.50 20.74 -15.40
N SER A 136 -49.34 21.04 -16.38
CA SER A 136 -50.37 22.11 -16.27
C SER A 136 -51.52 21.62 -15.40
N ILE A 137 -52.32 22.55 -14.86
CA ILE A 137 -53.56 22.20 -14.08
C ILE A 137 -54.47 21.36 -15.01
N ASN A 138 -55.06 20.26 -14.52
CA ASN A 138 -56.08 19.47 -15.27
C ASN A 138 -55.48 18.84 -16.53
N ASN A 139 -54.17 19.00 -16.76
CA ASN A 139 -53.41 18.46 -17.92
C ASN A 139 -54.08 18.84 -19.25
N GLU A 140 -54.46 20.11 -19.41
CA GLU A 140 -55.27 20.60 -20.56
C GLU A 140 -54.44 21.52 -21.47
N THR A 141 -53.29 21.99 -20.98
CA THR A 141 -52.25 22.69 -21.77
C THR A 141 -51.02 21.78 -21.72
N PRO A 142 -50.02 21.93 -22.61
CA PRO A 142 -48.75 21.21 -22.48
C PRO A 142 -47.95 21.79 -21.30
N GLY A 143 -47.40 20.94 -20.43
CA GLY A 143 -46.69 21.38 -19.20
C GLY A 143 -45.54 22.32 -19.55
N ILE A 144 -45.26 23.31 -18.70
CA ILE A 144 -44.14 24.27 -18.93
C ILE A 144 -42.81 23.50 -18.80
N ARG A 145 -41.98 23.55 -19.85
CA ARG A 145 -40.67 22.84 -19.97
C ARG A 145 -39.53 23.81 -19.63
N TYR A 146 -38.51 23.30 -18.91
CA TYR A 146 -37.36 24.10 -18.42
C TYR A 146 -36.06 23.30 -18.55
N GLN A 147 -34.96 24.04 -18.79
CA GLN A 147 -33.55 23.55 -18.71
C GLN A 147 -32.76 24.47 -17.77
N TYR A 148 -31.74 23.90 -17.10
CA TYR A 148 -30.81 24.61 -16.18
C TYR A 148 -29.74 25.35 -16.99
N ASN A 149 -29.37 26.56 -16.55
CA ASN A 149 -28.24 27.33 -17.12
C ASN A 149 -27.05 27.29 -16.16
N VAL A 150 -27.24 26.70 -14.98
CA VAL A 150 -26.24 26.66 -13.88
C VAL A 150 -26.24 25.26 -13.28
N LEU A 151 -25.23 24.94 -12.47
CA LEU A 151 -25.10 23.65 -11.75
C LEU A 151 -26.33 23.44 -10.88
N PRO A 152 -27.10 22.34 -11.08
CA PRO A 152 -28.20 22.00 -10.19
C PRO A 152 -27.82 21.36 -8.84
N GLN A 153 -28.66 21.62 -7.82
CA GLN A 153 -28.65 20.86 -6.54
C GLN A 153 -29.01 19.41 -6.88
N GLY A 154 -28.24 18.44 -6.38
CA GLY A 154 -28.53 17.00 -6.52
C GLY A 154 -27.92 16.40 -7.78
N TRP A 155 -27.12 17.17 -8.54
CA TRP A 155 -26.40 16.65 -9.74
C TRP A 155 -25.01 16.13 -9.35
N LYS A 156 -24.61 15.03 -9.99
CA LYS A 156 -23.28 14.35 -9.89
C LYS A 156 -22.12 15.35 -9.96
N GLY A 157 -22.12 16.28 -10.93
CA GLY A 157 -20.97 17.15 -11.26
C GLY A 157 -20.85 18.40 -10.39
N SER A 158 -21.88 18.76 -9.64
CA SER A 158 -21.99 20.09 -8.97
C SER A 158 -20.95 20.22 -7.85
N PRO A 159 -20.86 19.26 -6.91
CA PRO A 159 -19.76 19.25 -5.95
C PRO A 159 -18.40 19.59 -6.59
N ALA A 160 -17.98 18.83 -7.60
CA ALA A 160 -16.61 18.87 -8.18
C ALA A 160 -16.41 20.16 -8.98
N ILE A 161 -17.44 20.58 -9.72
CA ILE A 161 -17.33 21.74 -10.65
C ILE A 161 -17.33 23.01 -9.82
N PHE A 162 -18.10 22.99 -8.72
CA PHE A 162 -18.13 24.13 -7.76
C PHE A 162 -16.70 24.38 -7.22
N GLN A 163 -16.02 23.32 -6.76
CA GLN A 163 -14.69 23.41 -6.09
C GLN A 163 -13.62 23.85 -7.09
N SER A 164 -13.54 23.21 -8.25
CA SER A 164 -12.54 23.57 -9.29
C SER A 164 -12.64 25.08 -9.60
N SER A 165 -13.88 25.56 -9.68
CA SER A 165 -14.24 26.97 -10.01
C SER A 165 -13.87 27.89 -8.84
N MET A 166 -14.23 27.53 -7.60
CA MET A 166 -13.83 28.34 -6.41
C MET A 166 -12.29 28.41 -6.32
N THR A 167 -11.61 27.27 -6.50
CA THR A 167 -10.12 27.18 -6.39
C THR A 167 -9.50 28.14 -7.39
N LYS A 168 -9.94 28.09 -8.64
CA LYS A 168 -9.35 28.88 -9.76
C LYS A 168 -9.43 30.37 -9.38
N ILE A 169 -10.57 30.80 -8.83
CA ILE A 169 -10.82 32.22 -8.40
C ILE A 169 -9.88 32.58 -7.24
N LEU A 170 -9.71 31.69 -6.27
CA LEU A 170 -8.93 32.02 -5.04
C LEU A 170 -7.42 32.10 -5.35
N GLU A 171 -6.91 31.35 -6.36
CA GLU A 171 -5.46 31.17 -6.65
C GLU A 171 -4.68 32.48 -6.54
N PRO A 172 -5.05 33.55 -7.28
CA PRO A 172 -4.27 34.79 -7.27
C PRO A 172 -4.25 35.46 -5.88
N PHE A 173 -5.37 35.40 -5.16
CA PHE A 173 -5.53 36.05 -3.83
C PHE A 173 -4.55 35.42 -2.83
N ALA A 174 -4.62 34.08 -2.68
CA ALA A 174 -3.70 33.27 -1.83
C ALA A 174 -2.24 33.58 -2.20
N ALA A 175 -1.92 33.50 -3.49
CA ALA A 175 -0.58 33.72 -4.07
C ALA A 175 0.00 35.05 -3.58
N GLN A 176 -0.82 36.09 -3.55
CA GLN A 176 -0.43 37.49 -3.27
C GLN A 176 -0.77 37.85 -1.82
N ASN A 177 -1.34 36.90 -1.11
CA ASN A 177 -1.44 36.89 0.37
C ASN A 177 -0.86 35.56 0.84
N PRO A 178 0.49 35.42 0.96
CA PRO A 178 1.08 34.23 1.59
C PRO A 178 0.89 34.14 3.12
N ASP A 179 0.64 35.27 3.78
CA ASP A 179 0.55 35.42 5.27
C ASP A 179 -0.87 35.09 5.75
N ILE A 180 -1.71 34.51 4.88
CA ILE A 180 -3.05 33.98 5.28
C ILE A 180 -3.23 32.57 4.68
N VAL A 181 -4.22 31.84 5.20
CA VAL A 181 -4.59 30.49 4.71
C VAL A 181 -6.10 30.50 4.48
N ILE A 182 -6.51 29.84 3.39
CA ILE A 182 -7.93 29.67 2.98
C ILE A 182 -8.09 28.17 2.77
N TYR A 183 -9.04 27.55 3.47
CA TYR A 183 -9.33 26.10 3.33
C TYR A 183 -10.72 26.01 2.71
N GLN A 184 -10.81 25.39 1.54
CA GLN A 184 -12.09 25.21 0.81
C GLN A 184 -12.65 23.85 1.22
N TYR A 185 -13.85 23.80 1.81
CA TYR A 185 -14.55 22.51 2.10
C TYR A 185 -16.03 22.59 1.68
N MET A 186 -16.38 21.79 0.64
CA MET A 186 -17.68 21.90 -0.09
C MET A 186 -17.99 23.40 -0.23
N ASP A 187 -19.14 23.88 0.26
CA ASP A 187 -19.71 25.21 -0.11
C ASP A 187 -19.11 26.32 0.79
N ASP A 188 -18.16 25.97 1.68
CA ASP A 188 -17.63 26.89 2.73
C ASP A 188 -16.19 27.34 2.41
N LEU A 189 -15.78 28.47 3.02
CA LEU A 189 -14.38 29.02 3.04
C LEU A 189 -13.99 29.38 4.49
N TYR A 190 -12.92 28.76 5.00
CA TYR A 190 -12.33 29.02 6.35
C TYR A 190 -11.02 29.81 6.18
N VAL A 191 -10.94 30.98 6.79
CA VAL A 191 -9.85 31.96 6.52
C VAL A 191 -9.14 32.32 7.81
N GLY A 192 -7.84 32.09 7.84
CA GLY A 192 -7.02 32.21 9.05
C GLY A 192 -5.73 32.98 8.78
N SER A 193 -5.23 33.65 9.81
CA SER A 193 -3.98 34.45 9.76
C SER A 193 -3.47 34.74 11.17
N ASP A 194 -2.15 34.75 11.31
CA ASP A 194 -1.43 35.32 12.47
C ASP A 194 -1.10 36.78 12.15
N LEU A 195 -2.12 37.64 12.16
CA LEU A 195 -1.98 39.11 11.96
C LEU A 195 -2.83 39.78 13.04
N GLU A 196 -2.47 41.02 13.44
CA GLU A 196 -3.33 41.83 14.35
C GLU A 196 -4.72 41.90 13.72
N ILE A 197 -5.78 41.82 14.53
CA ILE A 197 -7.18 41.65 14.03
C ILE A 197 -7.63 42.92 13.29
N GLY A 198 -6.79 43.96 13.27
CA GLY A 198 -6.92 45.11 12.34
C GLY A 198 -6.51 44.71 10.92
N GLN A 199 -5.22 44.45 10.71
CA GLN A 199 -4.64 43.93 9.44
C GLN A 199 -5.38 42.69 8.91
N HIS A 200 -6.18 42.00 9.75
CA HIS A 200 -6.86 40.70 9.43
C HIS A 200 -8.25 40.94 8.82
N ARG A 201 -9.09 41.77 9.45
CA ARG A 201 -10.44 42.08 8.91
C ARG A 201 -10.28 42.94 7.65
N THR A 202 -9.09 43.55 7.50
CA THR A 202 -8.67 44.28 6.28
C THR A 202 -8.54 43.25 5.14
N LYS A 203 -7.73 42.20 5.39
CA LYS A 203 -7.41 41.17 4.36
C LYS A 203 -8.70 40.39 4.04
N ILE A 204 -9.59 40.25 5.02
CA ILE A 204 -10.90 39.56 4.80
C ILE A 204 -11.73 40.43 3.85
N GLU A 205 -11.73 41.74 4.10
CA GLU A 205 -12.47 42.76 3.30
C GLU A 205 -11.98 42.69 1.85
N GLU A 206 -10.65 42.71 1.63
CA GLU A 206 -10.02 42.57 0.30
C GLU A 206 -10.57 41.32 -0.41
N LEU A 207 -10.68 40.18 0.30
CA LEU A 207 -11.14 38.88 -0.26
C LEU A 207 -12.62 38.96 -0.67
N ARG A 208 -13.43 39.80 -0.01
CA ARG A 208 -14.85 40.07 -0.38
C ARG A 208 -14.87 40.87 -1.69
N GLN A 209 -13.97 41.84 -1.81
CA GLN A 209 -13.74 42.67 -3.04
C GLN A 209 -13.34 41.74 -4.18
N HIS A 210 -12.25 40.99 -3.99
CA HIS A 210 -11.71 40.01 -4.98
C HIS A 210 -12.80 39.00 -5.39
N LEU A 211 -13.72 38.63 -4.50
CA LEU A 211 -14.83 37.71 -4.85
C LEU A 211 -15.91 38.50 -5.62
N LEU A 212 -16.03 39.80 -5.36
CA LEU A 212 -16.96 40.71 -6.11
C LEU A 212 -16.54 40.80 -7.60
N ARG A 213 -15.24 40.76 -7.89
CA ARG A 213 -14.70 40.79 -9.28
CA ARG A 213 -14.70 40.80 -9.29
C ARG A 213 -15.39 39.71 -10.14
N TRP A 214 -15.76 38.58 -9.51
CA TRP A 214 -16.51 37.46 -10.15
C TRP A 214 -17.97 37.48 -9.71
N GLY A 215 -18.44 38.65 -9.24
CA GLY A 215 -19.81 38.91 -8.75
C GLY A 215 -20.25 37.94 -7.67
N LEU A 216 -19.47 37.82 -6.57
CA LEU A 216 -19.85 37.05 -5.36
C LEU A 216 -19.70 37.94 -4.12
N THR A 217 -20.74 37.96 -3.28
CA THR A 217 -20.77 38.69 -1.99
C THR A 217 -20.89 37.69 -0.83
N THR A 218 -20.51 38.13 0.38
CA THR A 218 -20.55 37.35 1.65
C THR A 218 -21.23 38.18 2.73
N PRO A 219 -21.79 37.56 3.80
CA PRO A 219 -22.66 38.26 4.74
C PRO A 219 -22.12 39.54 5.39
N ASP A 220 -22.97 40.59 5.39
CA ASP A 220 -22.75 41.90 6.05
C ASP A 220 -22.85 41.71 7.56
N LYS A 221 -24.02 41.26 8.00
CA LYS A 221 -24.14 40.77 9.38
C LYS A 221 -23.17 39.60 9.30
N LYS A 222 -22.09 39.65 10.10
CA LYS A 222 -20.90 38.76 9.96
C LYS A 222 -21.48 37.47 10.54
N HIS A 223 -21.09 36.33 9.92
CA HIS A 223 -21.70 34.98 10.10
C HIS A 223 -22.06 34.73 11.56
N GLN A 224 -23.33 34.38 11.83
CA GLN A 224 -23.91 34.15 13.19
C GLN A 224 -23.12 33.03 13.89
N LYS A 225 -22.81 31.96 13.16
CA LYS A 225 -21.87 30.87 13.58
C LYS A 225 -20.49 31.51 13.83
N GLU A 226 -20.07 31.59 15.09
CA GLU A 226 -18.70 32.02 15.53
C GLU A 226 -18.21 31.05 16.60
N PRO A 227 -16.89 31.09 16.98
CA PRO A 227 -16.28 30.02 17.78
C PRO A 227 -17.06 29.68 19.04
N PRO A 228 -17.27 28.38 19.36
CA PRO A 228 -16.66 27.28 18.61
C PRO A 228 -17.46 26.85 17.36
N PHE A 229 -16.79 26.77 16.20
CA PHE A 229 -17.38 26.18 14.96
C PHE A 229 -17.67 24.69 15.19
N LEU A 230 -18.89 24.25 14.84
CA LEU A 230 -19.32 22.82 14.92
C LEU A 230 -19.21 22.21 13.52
N TRP A 231 -18.19 21.39 13.26
CA TRP A 231 -17.85 20.96 11.88
C TRP A 231 -17.53 19.46 11.81
N MET A 232 -18.27 18.75 10.97
CA MET A 232 -18.03 17.31 10.65
C MET A 232 -17.83 16.53 11.94
N GLY A 233 -18.68 16.78 12.95
CA GLY A 233 -18.71 16.02 14.20
C GLY A 233 -17.66 16.47 15.20
N TYR A 234 -16.89 17.51 14.87
CA TYR A 234 -15.84 18.10 15.74
C TYR A 234 -16.36 19.40 16.36
N GLU A 235 -15.60 19.91 17.33
CA GLU A 235 -15.71 21.28 17.91
C GLU A 235 -14.35 21.98 17.78
N LEU A 236 -14.27 23.07 17.00
CA LEU A 236 -13.03 23.89 16.85
C LEU A 236 -13.14 25.19 17.67
N HIS A 237 -12.22 25.35 18.62
CA HIS A 237 -12.04 26.50 19.55
C HIS A 237 -10.79 27.27 19.13
N PRO A 238 -10.57 28.52 19.61
CA PRO A 238 -9.38 29.26 19.23
C PRO A 238 -8.03 28.56 19.50
N ASP A 239 -7.98 27.71 20.52
CA ASP A 239 -6.73 27.20 21.16
C ASP A 239 -6.75 25.66 21.30
N LYS A 240 -7.90 25.04 21.04
CA LYS A 240 -8.01 23.57 21.14
C LYS A 240 -9.17 23.04 20.29
N TRP A 241 -9.25 21.72 20.18
CA TRP A 241 -10.33 21.02 19.44
C TRP A 241 -10.78 19.86 20.30
N THR A 242 -12.02 19.42 20.11
CA THR A 242 -12.49 18.10 20.60
C THR A 242 -13.60 17.67 19.67
N VAL A 243 -14.19 16.50 19.94
CA VAL A 243 -15.34 15.94 19.17
C VAL A 243 -16.61 16.55 19.78
N GLN A 244 -17.72 16.57 19.02
CA GLN A 244 -19.03 17.01 19.54
C GLN A 244 -19.48 15.96 20.54
N PRO A 245 -20.23 16.35 21.61
CA PRO A 245 -20.59 15.44 22.71
C PRO A 245 -20.87 13.98 22.33
N ILE A 246 -20.23 13.07 23.07
CA ILE A 246 -20.39 11.59 22.94
C ILE A 246 -21.16 11.10 24.17
N VAL A 247 -22.48 10.87 24.02
CA VAL A 247 -23.35 10.29 25.09
C VAL A 247 -23.70 8.85 24.70
N LEU A 248 -23.39 7.91 25.59
CA LEU A 248 -23.58 6.43 25.41
C LEU A 248 -24.95 6.01 25.95
N PRO A 249 -25.87 5.47 25.10
CA PRO A 249 -27.12 4.92 25.60
C PRO A 249 -26.93 3.95 26.80
N GLU A 250 -27.37 4.35 28.00
CA GLU A 250 -27.73 3.43 29.12
C GLU A 250 -29.00 2.69 28.71
N LYS A 251 -29.05 1.37 28.89
CA LYS A 251 -30.21 0.53 28.46
C LYS A 251 -30.32 -0.75 29.31
N ASP A 252 -31.49 -1.39 29.25
CA ASP A 252 -31.80 -2.71 29.87
C ASP A 252 -31.54 -3.81 28.84
N SER A 253 -31.89 -3.57 27.57
CA SER A 253 -31.69 -4.51 26.43
C SER A 253 -30.84 -3.85 25.33
N TRP A 254 -29.73 -4.51 24.96
CA TRP A 254 -28.79 -4.07 23.88
C TRP A 254 -28.97 -4.97 22.65
N THR A 255 -29.32 -4.36 21.52
CA THR A 255 -29.74 -5.03 20.26
C THR A 255 -28.64 -4.89 19.20
N VAL A 256 -28.90 -5.32 17.95
CA VAL A 256 -27.87 -5.44 16.86
C VAL A 256 -27.46 -4.06 16.36
N ASN A 257 -28.43 -3.25 15.90
CA ASN A 257 -28.13 -1.93 15.27
C ASN A 257 -27.69 -0.97 16.37
N ASP A 258 -28.04 -1.30 17.63
CA ASP A 258 -27.67 -0.54 18.86
C ASP A 258 -26.28 -0.99 19.34
N ILE A 259 -25.55 -1.77 18.52
CA ILE A 259 -24.08 -2.05 18.67
C ILE A 259 -23.36 -1.63 17.37
N GLN A 260 -24.06 -1.59 16.23
CA GLN A 260 -23.56 -0.90 15.01
C GLN A 260 -23.77 0.62 15.16
N LYS A 261 -24.15 1.07 16.36
CA LYS A 261 -24.15 2.50 16.80
C LYS A 261 -23.10 2.72 17.89
N LEU A 262 -22.97 1.78 18.84
CA LEU A 262 -22.05 1.83 20.01
C LEU A 262 -20.58 1.67 19.55
N VAL A 263 -20.32 1.03 18.40
CA VAL A 263 -18.96 0.84 17.79
C VAL A 263 -18.53 2.15 17.13
N GLY A 264 -19.29 2.58 16.12
CA GLY A 264 -19.05 3.81 15.32
C GLY A 264 -18.77 5.00 16.21
N LYS A 265 -19.57 5.17 17.29
CA LYS A 265 -19.56 6.37 18.19
C LYS A 265 -18.42 6.23 19.21
N LEU A 266 -18.03 5.01 19.56
CA LEU A 266 -16.87 4.73 20.47
C LEU A 266 -15.56 4.86 19.67
N ASN A 267 -15.57 4.50 18.39
CA ASN A 267 -14.42 4.64 17.47
C ASN A 267 -14.17 6.14 17.23
N TRP A 268 -15.24 6.91 17.05
CA TRP A 268 -15.21 8.37 16.77
C TRP A 268 -14.52 9.08 17.95
N ALA A 269 -14.90 8.70 19.16
CA ALA A 269 -14.41 9.26 20.44
C ALA A 269 -12.94 8.91 20.67
N SER A 270 -12.49 7.77 20.13
CA SER A 270 -11.14 7.17 20.36
C SER A 270 -10.02 8.03 19.76
N GLN A 271 -10.33 8.96 18.85
CA GLN A 271 -9.32 9.88 18.24
C GLN A 271 -8.85 10.96 19.25
N ILE A 272 -9.59 11.24 20.32
CA ILE A 272 -9.13 12.22 21.35
C ILE A 272 -9.27 11.65 22.76
N TYR A 273 -10.30 10.82 23.00
CA TYR A 273 -10.57 10.20 24.34
C TYR A 273 -9.67 8.98 24.49
N PRO A 274 -8.61 9.02 25.35
CA PRO A 274 -7.61 7.95 25.38
C PRO A 274 -8.16 6.67 26.03
N GLY A 275 -7.91 5.53 25.38
CA GLY A 275 -8.16 4.18 25.92
C GLY A 275 -9.61 3.74 25.80
N ILE A 276 -10.30 4.14 24.73
CA ILE A 276 -11.58 3.49 24.33
C ILE A 276 -11.23 2.07 23.87
N LYS A 277 -12.10 1.11 24.15
CA LYS A 277 -11.96 -0.32 23.77
C LYS A 277 -13.29 -0.81 23.18
N VAL A 278 -13.24 -1.49 22.03
CA VAL A 278 -14.45 -1.88 21.23
C VAL A 278 -14.45 -3.38 20.91
N ARG A 279 -13.45 -4.13 21.40
CA ARG A 279 -13.17 -5.55 21.01
C ARG A 279 -14.35 -6.44 21.46
N GLN A 280 -14.68 -6.41 22.76
CA GLN A 280 -15.73 -7.26 23.38
C GLN A 280 -17.10 -6.89 22.80
N LEU A 281 -17.21 -5.71 22.21
CA LEU A 281 -18.45 -5.16 21.62
C LEU A 281 -18.53 -5.52 20.12
N SER A 282 -17.39 -5.48 19.42
CA SER A 282 -17.26 -5.89 17.98
C SER A 282 -17.32 -7.41 17.89
N LYS A 283 -17.03 -8.11 18.99
CA LYS A 283 -17.18 -9.59 19.14
C LYS A 283 -18.63 -9.99 18.84
N LEU A 284 -19.60 -9.13 19.18
CA LEU A 284 -21.05 -9.45 19.10
C LEU A 284 -21.54 -9.32 17.65
N LEU A 285 -21.01 -8.38 16.86
CA LEU A 285 -21.46 -8.14 15.46
C LEU A 285 -20.97 -9.27 14.53
N ARG A 286 -20.32 -10.29 15.09
CA ARG A 286 -19.73 -11.43 14.32
C ARG A 286 -20.84 -12.13 13.51
N GLY A 287 -20.83 -11.98 12.18
CA GLY A 287 -21.69 -12.76 11.25
C GLY A 287 -23.11 -12.21 11.10
N THR A 288 -23.93 -12.27 12.16
CA THR A 288 -25.41 -12.07 12.13
C THR A 288 -25.78 -10.61 11.88
N LYS A 289 -26.40 -10.35 10.72
CA LYS A 289 -27.10 -9.06 10.39
C LYS A 289 -28.62 -9.28 10.46
N ALA A 290 -29.16 -9.37 11.68
CA ALA A 290 -30.62 -9.38 12.00
C ALA A 290 -30.86 -8.16 12.90
N LEU A 291 -31.29 -7.05 12.28
CA LEU A 291 -30.93 -5.67 12.74
C LEU A 291 -31.75 -5.28 13.99
N THR A 292 -32.58 -6.20 14.51
CA THR A 292 -33.47 -5.96 15.68
C THR A 292 -33.34 -7.09 16.72
N GLU A 293 -32.24 -7.85 16.70
CA GLU A 293 -31.98 -9.00 17.62
C GLU A 293 -31.28 -8.51 18.90
N VAL A 294 -31.96 -8.61 20.06
CA VAL A 294 -31.38 -8.34 21.41
C VAL A 294 -30.30 -9.41 21.53
N ILE A 295 -29.02 -9.02 21.66
CA ILE A 295 -27.88 -9.96 21.94
C ILE A 295 -27.53 -9.66 23.39
N PRO A 296 -27.47 -10.67 24.29
CA PRO A 296 -26.96 -10.44 25.64
C PRO A 296 -25.51 -9.95 25.62
N LEU A 297 -25.15 -9.10 26.58
CA LEU A 297 -23.75 -8.66 26.82
C LEU A 297 -22.96 -9.85 27.38
N THR A 298 -21.64 -9.78 27.36
CA THR A 298 -20.74 -10.67 28.13
C THR A 298 -20.35 -9.95 29.42
N GLU A 299 -19.71 -10.67 30.35
CA GLU A 299 -19.29 -10.11 31.66
C GLU A 299 -17.95 -9.37 31.49
N GLU A 300 -17.33 -9.51 30.30
CA GLU A 300 -16.15 -8.72 29.84
C GLU A 300 -16.60 -7.42 29.16
N ALA A 301 -17.86 -7.32 28.75
CA ALA A 301 -18.45 -6.19 27.98
C ALA A 301 -19.14 -5.17 28.90
N GLU A 302 -19.31 -5.51 30.19
CA GLU A 302 -19.97 -4.65 31.22
C GLU A 302 -18.90 -3.93 32.06
N LEU A 303 -17.65 -4.42 32.04
CA LEU A 303 -16.46 -3.88 32.77
C LEU A 303 -15.60 -3.05 31.81
N GLU A 304 -15.67 -3.35 30.51
CA GLU A 304 -15.09 -2.57 29.39
C GLU A 304 -15.92 -1.30 29.19
N LEU A 305 -17.21 -1.33 29.54
CA LEU A 305 -18.16 -0.18 29.40
C LEU A 305 -18.06 0.75 30.60
N ALA A 306 -17.89 0.18 31.80
CA ALA A 306 -17.64 0.90 33.08
C ALA A 306 -16.23 1.51 33.05
N GLU A 307 -15.42 1.14 32.05
CA GLU A 307 -14.16 1.85 31.67
C GLU A 307 -14.50 2.98 30.69
N ASN A 308 -15.39 2.72 29.71
CA ASN A 308 -15.76 3.67 28.63
C ASN A 308 -16.41 4.93 29.23
N ARG A 309 -17.43 4.76 30.07
CA ARG A 309 -18.27 5.85 30.63
C ARG A 309 -17.47 6.68 31.65
N GLU A 310 -16.40 6.12 32.24
CA GLU A 310 -15.49 6.79 33.21
C GLU A 310 -14.40 7.55 32.45
N ILE A 311 -14.12 7.16 31.20
CA ILE A 311 -13.25 7.90 30.23
C ILE A 311 -14.10 8.98 29.55
N LEU A 312 -15.38 8.69 29.24
CA LEU A 312 -16.35 9.63 28.59
C LEU A 312 -17.05 10.51 29.65
N LYS A 313 -16.60 10.45 30.92
CA LYS A 313 -17.29 11.11 32.06
C LYS A 313 -17.01 12.62 32.02
N GLU A 314 -15.74 13.02 31.84
CA GLU A 314 -15.35 14.46 31.76
C GLU A 314 -14.70 14.70 30.41
N PRO A 315 -14.85 15.92 29.85
CA PRO A 315 -14.41 16.20 28.48
C PRO A 315 -12.87 16.24 28.42
N VAL A 316 -12.32 15.89 27.26
CA VAL A 316 -10.86 16.06 26.98
C VAL A 316 -10.70 16.80 25.64
N HIS A 317 -9.63 17.56 25.54
CA HIS A 317 -9.31 18.45 24.39
C HIS A 317 -7.99 18.01 23.78
N GLY A 318 -7.94 18.02 22.44
CA GLY A 318 -6.68 18.01 21.68
C GLY A 318 -6.21 19.44 21.40
N VAL A 319 -4.89 19.64 21.31
CA VAL A 319 -4.27 20.90 20.85
C VAL A 319 -4.05 20.85 19.34
N TYR A 320 -3.71 22.00 18.78
CA TYR A 320 -3.36 22.19 17.34
C TYR A 320 -1.87 21.99 17.17
N TYR A 321 -1.43 21.95 15.91
CA TYR A 321 -0.08 21.49 15.53
C TYR A 321 0.85 22.69 15.51
N ASP A 322 2.07 22.53 16.03
CA ASP A 322 3.15 23.55 15.99
C ASP A 322 4.35 22.97 15.25
N PRO A 323 4.48 23.28 13.96
CA PRO A 323 5.53 22.72 13.11
C PRO A 323 6.97 22.88 13.65
N SER A 324 7.19 23.79 14.59
CA SER A 324 8.54 24.10 15.14
C SER A 324 8.89 23.18 16.32
N LYS A 325 7.88 22.49 16.83
CA LYS A 325 8.05 21.53 17.95
C LYS A 325 8.10 20.11 17.38
N ASP A 326 8.72 19.19 18.11
CA ASP A 326 8.87 17.78 17.67
C ASP A 326 7.52 17.05 17.72
N LEU A 327 7.39 15.99 16.91
CA LEU A 327 6.16 15.16 16.83
C LEU A 327 6.48 13.83 17.50
N ILE A 328 5.78 13.50 18.57
CA ILE A 328 6.01 12.25 19.37
C ILE A 328 4.77 11.37 19.27
N ALA A 329 4.97 10.06 19.14
CA ALA A 329 3.89 9.05 19.21
C ALA A 329 4.26 7.99 20.24
N GLU A 330 3.35 7.72 21.17
CA GLU A 330 3.57 6.75 22.26
C GLU A 330 2.49 5.66 22.23
N ILE A 331 2.90 4.41 22.44
CA ILE A 331 2.00 3.22 22.28
C ILE A 331 1.97 2.48 23.60
N GLN A 332 0.79 1.99 23.97
CA GLN A 332 0.59 1.06 25.10
C GLN A 332 -0.10 -0.21 24.60
N LYS A 333 0.33 -1.35 25.14
CA LYS A 333 -0.33 -2.66 24.97
C LYS A 333 -1.51 -2.70 25.95
N GLN A 334 -2.73 -2.90 25.48
CA GLN A 334 -3.91 -2.94 26.38
C GLN A 334 -4.33 -4.37 26.73
N GLY A 335 -3.94 -5.38 25.92
CA GLY A 335 -4.35 -6.78 26.07
C GLY A 335 -5.35 -7.23 25.02
N GLN A 336 -5.53 -8.55 24.87
CA GLN A 336 -6.47 -9.20 23.91
C GLN A 336 -6.27 -8.61 22.50
N GLY A 337 -5.01 -8.42 22.09
CA GLY A 337 -4.64 -7.92 20.75
C GLY A 337 -4.97 -6.45 20.55
N GLN A 338 -5.10 -5.68 21.64
CA GLN A 338 -5.56 -4.26 21.60
C GLN A 338 -4.38 -3.34 21.96
N TRP A 339 -4.26 -2.23 21.24
CA TRP A 339 -3.15 -1.27 21.43
C TRP A 339 -3.74 0.13 21.42
N THR A 340 -3.13 1.01 22.20
CA THR A 340 -3.62 2.38 22.35
C THR A 340 -2.47 3.35 22.13
N TYR A 341 -2.74 4.50 21.54
CA TYR A 341 -1.64 5.46 21.29
C TYR A 341 -2.09 6.91 21.44
N GLN A 342 -1.09 7.74 21.77
CA GLN A 342 -1.21 9.19 21.88
C GLN A 342 -0.15 9.80 20.98
N ILE A 343 -0.52 10.84 20.24
CA ILE A 343 0.48 11.66 19.51
C ILE A 343 0.47 13.04 20.14
N TYR A 344 1.65 13.58 20.43
CA TYR A 344 1.77 14.87 21.16
C TYR A 344 3.10 15.54 20.81
N GLN A 345 3.24 16.80 21.22
CA GLN A 345 4.51 17.59 21.05
C GLN A 345 5.07 17.92 22.44
N GLU A 346 4.18 18.20 23.40
CA GLU A 346 4.50 18.52 24.82
C GLU A 346 3.84 17.51 25.75
N PRO A 347 4.52 17.06 26.83
CA PRO A 347 3.91 16.15 27.79
C PRO A 347 2.52 16.64 28.20
N PHE A 348 1.53 15.73 28.12
CA PHE A 348 0.14 15.87 28.65
C PHE A 348 -0.79 16.67 27.73
N LYS A 349 -0.31 17.21 26.61
CA LYS A 349 -1.16 17.97 25.65
C LYS A 349 -1.19 17.17 24.35
N ASN A 350 -2.21 16.33 24.16
CA ASN A 350 -2.25 15.41 23.01
C ASN A 350 -2.80 16.17 21.80
N LEU A 351 -2.10 16.11 20.66
CA LEU A 351 -2.69 16.51 19.36
C LEU A 351 -3.87 15.60 19.11
N LYS A 352 -3.70 14.31 19.35
CA LYS A 352 -4.79 13.30 19.11
C LYS A 352 -4.37 11.96 19.70
N THR A 353 -5.29 11.00 19.68
CA THR A 353 -5.14 9.65 20.27
C THR A 353 -5.72 8.62 19.31
N GLY A 354 -5.58 7.33 19.62
CA GLY A 354 -6.26 6.26 18.88
C GLY A 354 -5.93 4.88 19.38
N LYS A 355 -6.38 3.87 18.63
CA LYS A 355 -6.27 2.44 18.99
C LYS A 355 -5.89 1.61 17.76
N TYR A 356 -5.32 0.42 17.99
CA TYR A 356 -5.06 -0.60 16.94
C TYR A 356 -5.51 -1.97 17.47
N ALA A 357 -6.21 -2.72 16.65
CA ALA A 357 -6.67 -4.10 16.96
C ALA A 357 -5.84 -5.11 16.14
N ARG A 358 -5.39 -6.18 16.80
CA ARG A 358 -4.78 -7.39 16.18
C ARG A 358 -5.55 -7.77 14.90
N MET A 359 -4.82 -7.99 13.80
CA MET A 359 -5.38 -8.57 12.55
C MET A 359 -5.83 -10.01 12.83
N ARG A 360 -6.89 -10.46 12.16
CA ARG A 360 -7.38 -11.86 12.30
C ARG A 360 -6.27 -12.82 11.86
N GLY A 361 -5.82 -13.70 12.75
CA GLY A 361 -4.80 -14.74 12.49
C GLY A 361 -5.06 -15.98 13.30
N ALA A 362 -4.41 -17.10 12.95
CA ALA A 362 -4.44 -18.34 13.78
C ALA A 362 -3.56 -18.14 15.02
N HIS A 363 -2.36 -17.64 14.78
CA HIS A 363 -1.21 -17.51 15.71
C HIS A 363 -0.68 -16.08 15.57
N THR A 364 -0.06 -15.53 16.60
CA THR A 364 0.41 -14.13 16.56
C THR A 364 1.53 -13.92 17.57
N ASN A 365 2.20 -12.76 17.48
CA ASN A 365 3.00 -12.26 18.62
C ASN A 365 2.96 -10.73 18.73
N ASP A 366 3.34 -10.30 19.93
CA ASP A 366 3.20 -8.92 20.47
C ASP A 366 4.06 -8.00 19.63
N VAL A 367 5.26 -8.45 19.26
CA VAL A 367 6.24 -7.64 18.49
C VAL A 367 5.67 -7.41 17.09
N LYS A 368 5.07 -8.42 16.47
CA LYS A 368 4.41 -8.23 15.14
C LYS A 368 3.29 -7.20 15.29
N GLN A 369 2.55 -7.24 16.39
CA GLN A 369 1.38 -6.37 16.59
C GLN A 369 1.85 -4.92 16.72
N LEU A 370 2.95 -4.74 17.45
CA LEU A 370 3.55 -3.42 17.77
C LEU A 370 4.05 -2.82 16.45
N THR A 371 4.73 -3.65 15.66
CA THR A 371 5.22 -3.30 14.29
C THR A 371 4.01 -2.79 13.48
N GLU A 372 2.92 -3.53 13.45
CA GLU A 372 1.72 -3.12 12.66
C GLU A 372 1.16 -1.78 13.18
N ALA A 373 1.10 -1.58 14.51
CA ALA A 373 0.53 -0.33 15.09
C ALA A 373 1.45 0.86 14.71
N VAL A 374 2.77 0.68 14.77
CA VAL A 374 3.77 1.68 14.31
C VAL A 374 3.47 2.08 12.86
N GLN A 375 3.16 1.12 11.99
CA GLN A 375 3.01 1.42 10.54
C GLN A 375 1.68 2.19 10.36
N LYS A 376 0.61 1.78 11.03
CA LYS A 376 -0.71 2.48 11.02
C LYS A 376 -0.51 3.96 11.43
N ILE A 377 0.19 4.20 12.55
CA ILE A 377 0.43 5.55 13.10
C ILE A 377 1.37 6.30 12.14
N THR A 378 2.31 5.61 11.49
CA THR A 378 3.25 6.29 10.55
C THR A 378 2.46 6.87 9.37
N THR A 379 1.60 6.08 8.76
CA THR A 379 0.80 6.50 7.58
C THR A 379 -0.16 7.62 7.95
N GLU A 380 -0.97 7.40 8.99
CA GLU A 380 -1.89 8.39 9.61
C GLU A 380 -1.14 9.71 9.80
N SER A 381 0.07 9.67 10.36
CA SER A 381 0.85 10.88 10.66
C SER A 381 1.27 11.54 9.36
N ILE A 382 1.67 10.75 8.34
CA ILE A 382 2.08 11.32 7.01
C ILE A 382 0.88 12.10 6.49
N VAL A 383 -0.31 11.49 6.50
CA VAL A 383 -1.58 12.11 6.05
C VAL A 383 -1.81 13.45 6.77
N ILE A 384 -1.67 13.51 8.10
CA ILE A 384 -2.19 14.65 8.92
C ILE A 384 -1.11 15.73 9.05
N TRP A 385 0.14 15.36 9.28
CA TRP A 385 1.23 16.35 9.49
C TRP A 385 2.30 16.32 8.41
N GLY A 386 2.24 15.40 7.43
CA GLY A 386 3.28 15.34 6.39
C GLY A 386 4.61 14.87 6.95
N LYS A 387 4.60 14.17 8.07
CA LYS A 387 5.83 13.58 8.64
C LYS A 387 5.52 12.44 9.63
N THR A 388 6.49 11.53 9.74
CA THR A 388 6.63 10.43 10.71
C THR A 388 7.00 10.98 12.09
N PRO A 389 6.30 10.56 13.18
CA PRO A 389 6.58 11.04 14.53
C PRO A 389 7.77 10.22 15.00
N LYS A 390 8.49 10.71 16.01
CA LYS A 390 9.41 9.89 16.82
C LYS A 390 8.53 9.02 17.70
N PHE A 391 8.86 7.75 17.82
CA PHE A 391 8.05 6.79 18.61
C PHE A 391 8.70 6.57 19.99
N LYS A 392 7.82 6.41 20.96
CA LYS A 392 8.13 5.90 22.32
C LYS A 392 7.35 4.61 22.54
N LEU A 393 8.07 3.54 22.80
CA LEU A 393 7.56 2.16 22.65
C LEU A 393 7.99 1.35 23.86
N PRO A 394 7.06 0.53 24.40
CA PRO A 394 7.33 -0.29 25.56
C PRO A 394 8.05 -1.58 25.18
N ILE A 395 9.23 -1.45 24.59
CA ILE A 395 10.04 -2.61 24.16
C ILE A 395 11.49 -2.19 24.30
N GLN A 396 12.31 -3.06 24.87
CA GLN A 396 13.75 -2.79 25.06
C GLN A 396 14.47 -2.84 23.69
N LYS A 397 15.41 -1.93 23.53
CA LYS A 397 16.37 -1.85 22.42
C LYS A 397 16.95 -3.23 22.15
N GLU A 398 17.32 -3.97 23.18
CA GLU A 398 17.94 -5.30 23.02
C GLU A 398 16.87 -6.30 22.52
N THR A 399 15.63 -6.20 22.95
CA THR A 399 14.56 -7.14 22.53
C THR A 399 14.36 -7.00 21.02
N TRP A 400 14.14 -5.77 20.59
CA TRP A 400 13.89 -5.41 19.17
C TRP A 400 15.03 -5.91 18.30
N GLU A 401 16.27 -5.71 18.73
CA GLU A 401 17.47 -6.12 18.00
C GLU A 401 17.51 -7.65 17.84
N THR A 402 17.29 -8.40 18.91
CA THR A 402 17.23 -9.87 18.84
C THR A 402 16.16 -10.27 17.82
N TRP A 403 15.01 -9.60 17.86
CA TRP A 403 13.83 -9.92 17.02
C TRP A 403 14.13 -9.72 15.53
N TRP A 404 14.48 -8.49 15.13
CA TRP A 404 14.61 -8.15 13.70
C TRP A 404 15.78 -8.96 13.11
N THR A 405 16.85 -9.20 13.86
CA THR A 405 18.04 -9.89 13.31
C THR A 405 17.75 -11.38 13.10
N GLU A 406 16.86 -11.99 13.88
CA GLU A 406 16.59 -13.44 13.85
C GLU A 406 15.27 -13.70 13.09
N TYR A 407 14.47 -12.69 12.82
CA TYR A 407 13.16 -12.88 12.14
C TYR A 407 13.39 -13.17 10.65
N TRP A 408 12.66 -14.14 10.09
CA TRP A 408 12.90 -14.59 8.69
C TRP A 408 12.33 -13.55 7.76
N GLN A 409 11.43 -12.71 8.21
CA GLN A 409 10.99 -11.61 7.32
C GLN A 409 11.91 -10.42 7.53
N ALA A 410 11.93 -9.56 6.53
CA ALA A 410 12.45 -8.20 6.61
C ALA A 410 11.48 -7.38 7.46
N THR A 411 11.99 -6.66 8.46
CA THR A 411 11.16 -5.73 9.26
C THR A 411 11.96 -4.49 9.66
N TRP A 412 11.23 -3.42 9.96
CA TRP A 412 11.77 -2.06 10.25
C TRP A 412 10.72 -1.31 11.03
N ILE A 413 11.16 -0.56 12.03
CA ILE A 413 10.34 0.55 12.60
C ILE A 413 11.22 1.79 12.57
N PRO A 414 10.64 2.97 12.31
CA PRO A 414 11.40 4.22 12.31
C PRO A 414 11.82 4.64 13.73
N GLU A 415 12.62 5.69 13.78
CA GLU A 415 13.31 6.21 14.98
C GLU A 415 12.40 6.16 16.20
N TRP A 416 12.88 5.58 17.28
CA TRP A 416 12.04 5.31 18.45
C TRP A 416 12.94 5.22 19.66
N GLU A 417 12.32 5.26 20.84
CA GLU A 417 13.03 5.06 22.11
C GLU A 417 12.20 4.16 23.00
N PHE A 418 12.88 3.46 23.90
CA PHE A 418 12.24 2.64 24.96
C PHE A 418 11.60 3.60 25.96
N VAL A 419 10.33 3.35 26.30
CA VAL A 419 9.61 3.92 27.46
C VAL A 419 9.18 2.75 28.37
N ASN A 420 9.61 2.82 29.63
CA ASN A 420 9.44 1.77 30.65
C ASN A 420 8.09 1.96 31.34
N THR A 421 7.01 1.61 30.65
CA THR A 421 5.61 1.64 31.14
C THR A 421 5.03 0.25 30.87
N PRO A 422 5.00 -0.64 31.89
CA PRO A 422 4.38 -1.95 31.76
C PRO A 422 2.99 -1.93 31.15
N PRO A 423 2.55 -3.03 30.53
CA PRO A 423 3.39 -4.22 30.38
C PRO A 423 4.33 -4.09 29.17
N LEU A 424 5.59 -4.49 29.35
CA LEU A 424 6.64 -4.46 28.30
C LEU A 424 6.45 -5.62 27.33
N VAL A 425 6.46 -5.30 26.04
CA VAL A 425 6.56 -6.27 24.93
C VAL A 425 7.91 -6.96 25.06
N LYS A 426 7.92 -8.28 25.01
CA LYS A 426 9.16 -9.07 25.18
C LYS A 426 9.10 -10.33 24.32
N LEU A 427 10.25 -10.96 24.13
CA LEU A 427 10.36 -12.29 23.48
C LEU A 427 10.22 -13.34 24.58
N TRP A 428 9.25 -14.26 24.46
CA TRP A 428 8.91 -15.24 25.51
C TRP A 428 9.78 -16.49 25.45
N TYR A 429 10.34 -16.86 24.29
CA TYR A 429 11.29 -18.00 24.15
C TYR A 429 12.24 -17.76 22.97
N GLN A 430 13.37 -18.45 22.92
CA GLN A 430 14.28 -18.40 21.74
C GLN A 430 14.85 -19.80 21.50
N LEU A 431 14.60 -20.31 20.31
CA LEU A 431 15.05 -21.65 19.87
C LEU A 431 16.55 -21.58 19.61
N GLU A 432 17.28 -22.61 20.03
CA GLU A 432 18.73 -22.76 19.76
C GLU A 432 18.97 -22.81 18.24
N LYS A 433 20.15 -22.37 17.80
CA LYS A 433 20.60 -22.43 16.38
C LYS A 433 21.34 -23.75 16.15
N GLU A 434 21.88 -24.35 17.21
CA GLU A 434 22.66 -25.60 17.12
C GLU A 434 22.08 -26.64 18.08
N PRO A 435 22.30 -27.94 17.83
CA PRO A 435 21.96 -28.96 18.82
C PRO A 435 22.69 -28.66 20.14
N ILE A 436 22.09 -29.08 21.27
CA ILE A 436 22.60 -28.87 22.65
C ILE A 436 23.36 -30.11 23.11
N VAL A 437 24.62 -29.96 23.57
CA VAL A 437 25.49 -31.06 24.08
C VAL A 437 24.94 -31.41 25.47
N GLY A 438 24.83 -32.71 25.76
CA GLY A 438 24.31 -33.24 27.05
C GLY A 438 22.79 -33.04 27.28
N ALA A 439 22.02 -32.49 26.34
CA ALA A 439 20.54 -32.47 26.42
C ALA A 439 19.97 -33.72 25.73
N GLU A 440 18.99 -34.37 26.36
CA GLU A 440 18.35 -35.61 25.81
C GLU A 440 17.74 -35.27 24.43
N THR A 441 17.83 -36.19 23.49
CA THR A 441 17.24 -36.09 22.13
C THR A 441 15.93 -36.90 22.09
N PHE A 442 14.80 -36.21 21.97
CA PHE A 442 13.44 -36.75 21.77
C PHE A 442 13.13 -36.79 20.28
N TYR A 443 13.01 -37.99 19.73
CA TYR A 443 12.45 -38.24 18.39
C TYR A 443 10.95 -38.45 18.51
N VAL A 444 10.18 -37.57 17.88
CA VAL A 444 8.71 -37.50 18.11
C VAL A 444 7.96 -37.86 16.83
N ASP A 445 6.79 -38.46 16.97
CA ASP A 445 5.92 -38.67 15.81
C ASP A 445 4.48 -38.86 16.30
N GLY A 446 3.57 -38.47 15.43
CA GLY A 446 2.13 -38.62 15.57
C GLY A 446 1.55 -38.96 14.22
N ALA A 447 0.43 -39.67 14.23
CA ALA A 447 -0.35 -39.95 13.00
C ALA A 447 -1.78 -40.31 13.41
N ALA A 448 -2.73 -40.09 12.50
CA ALA A 448 -4.17 -40.34 12.73
C ALA A 448 -4.74 -41.07 11.51
N ASN A 449 -5.74 -41.89 11.77
CA ASN A 449 -6.49 -42.65 10.76
C ASN A 449 -7.56 -41.70 10.21
N ARG A 450 -7.51 -41.39 8.93
CA ARG A 450 -8.41 -40.41 8.28
C ARG A 450 -9.90 -40.75 8.46
N GLU A 451 -10.23 -42.03 8.61
CA GLU A 451 -11.67 -42.48 8.70
C GLU A 451 -12.18 -42.42 10.15
N THR A 452 -11.39 -42.90 11.12
CA THR A 452 -11.83 -43.12 12.52
C THR A 452 -11.58 -41.91 13.41
N LYS A 453 -10.81 -40.91 12.95
CA LYS A 453 -10.28 -39.77 13.77
C LYS A 453 -9.46 -40.30 14.97
N LEU A 454 -8.98 -41.56 14.89
CA LEU A 454 -8.20 -42.22 15.96
C LEU A 454 -6.72 -42.06 15.60
N GLY A 455 -5.90 -41.79 16.61
CA GLY A 455 -4.46 -41.59 16.35
C GLY A 455 -3.62 -41.84 17.56
N LYS A 456 -2.37 -41.47 17.42
CA LYS A 456 -1.31 -41.69 18.43
C LYS A 456 -0.24 -40.63 18.26
N ALA A 457 0.37 -40.27 19.38
CA ALA A 457 1.45 -39.28 19.50
C ALA A 457 2.46 -39.82 20.51
N GLY A 458 3.76 -39.69 20.23
CA GLY A 458 4.75 -40.04 21.26
C GLY A 458 6.17 -39.74 20.85
N TYR A 459 7.10 -40.36 21.56
CA TYR A 459 8.56 -40.16 21.37
C TYR A 459 9.32 -41.41 21.81
N VAL A 460 10.52 -41.58 21.22
CA VAL A 460 11.66 -42.37 21.77
C VAL A 460 12.88 -41.44 21.86
N THR A 461 13.60 -41.48 22.98
CA THR A 461 14.80 -40.66 23.24
C THR A 461 16.08 -41.50 23.23
N ASN A 462 17.22 -40.80 23.18
CA ASN A 462 18.56 -41.44 23.17
C ASN A 462 18.80 -42.16 24.50
N LYS A 463 18.07 -41.83 25.58
CA LYS A 463 18.27 -42.51 26.89
C LYS A 463 17.35 -43.72 27.03
N GLY A 464 16.62 -44.11 25.99
CA GLY A 464 15.61 -45.18 26.05
C GLY A 464 14.33 -44.76 26.76
N ARG A 465 14.11 -43.47 27.00
CA ARG A 465 12.78 -42.96 27.44
C ARG A 465 11.77 -43.06 26.29
N GLN A 466 10.56 -43.54 26.59
CA GLN A 466 9.55 -43.75 25.53
C GLN A 466 8.16 -43.46 26.03
N LYS A 467 7.30 -43.05 25.10
CA LYS A 467 5.86 -42.90 25.37
C LYS A 467 5.11 -42.97 24.05
N VAL A 468 3.94 -43.61 24.10
CA VAL A 468 2.87 -43.56 23.07
C VAL A 468 1.55 -43.35 23.82
N VAL A 469 0.81 -42.30 23.45
CA VAL A 469 -0.52 -41.98 24.01
C VAL A 469 -1.49 -42.20 22.86
N PRO A 470 -2.59 -42.95 23.10
CA PRO A 470 -3.63 -43.13 22.09
C PRO A 470 -4.59 -41.94 22.15
N LEU A 471 -5.06 -41.48 21.00
CA LEU A 471 -5.97 -40.31 20.93
C LEU A 471 -7.18 -40.65 20.05
N THR A 472 -8.30 -39.98 20.32
CA THR A 472 -9.57 -40.03 19.55
C THR A 472 -9.89 -38.63 19.05
N ASN A 473 -10.60 -38.49 17.93
CA ASN A 473 -11.19 -37.19 17.51
C ASN A 473 -10.04 -36.26 17.08
N THR A 474 -9.10 -36.79 16.30
CA THR A 474 -7.83 -36.11 15.95
C THR A 474 -7.51 -36.30 14.47
N THR A 475 -6.40 -35.70 14.05
CA THR A 475 -5.92 -35.56 12.65
C THR A 475 -4.41 -35.66 12.66
N ASN A 476 -3.78 -35.78 11.50
CA ASN A 476 -2.30 -35.85 11.42
C ASN A 476 -1.71 -34.59 12.06
N GLN A 477 -2.27 -33.42 11.77
CA GLN A 477 -1.71 -32.12 12.24
C GLN A 477 -1.75 -32.09 13.77
N LYS A 478 -2.84 -32.55 14.37
CA LYS A 478 -3.01 -32.46 15.85
C LYS A 478 -2.04 -33.41 16.53
N THR A 479 -1.80 -34.58 15.93
CA THR A 479 -0.97 -35.64 16.52
C THR A 479 0.49 -35.19 16.43
N GLU A 480 0.88 -34.55 15.33
CA GLU A 480 2.25 -34.00 15.12
C GLU A 480 2.54 -32.96 16.21
N LEU A 481 1.59 -32.09 16.56
CA LEU A 481 1.80 -31.07 17.64
C LEU A 481 1.88 -31.73 19.02
N GLN A 482 1.01 -32.72 19.26
CA GLN A 482 0.89 -33.42 20.57
C GLN A 482 2.20 -34.15 20.91
N ALA A 483 2.77 -34.86 19.95
CA ALA A 483 4.08 -35.54 20.04
C ALA A 483 5.10 -34.54 20.59
N ILE A 484 5.15 -33.35 19.98
CA ILE A 484 6.09 -32.26 20.37
C ILE A 484 5.77 -31.81 21.78
N TYR A 485 4.50 -31.61 22.07
CA TYR A 485 4.03 -31.28 23.45
C TYR A 485 4.48 -32.33 24.48
N LEU A 486 4.43 -33.63 24.15
CA LEU A 486 4.75 -34.68 25.15
C LEU A 486 6.26 -34.63 25.47
N ALA A 487 7.09 -34.39 24.46
CA ALA A 487 8.56 -34.28 24.61
C ALA A 487 8.86 -33.08 25.49
N LEU A 488 8.15 -31.98 25.28
CA LEU A 488 8.38 -30.75 26.07
C LEU A 488 7.97 -31.02 27.52
N GLN A 489 6.79 -31.59 27.74
CA GLN A 489 6.25 -31.97 29.08
C GLN A 489 7.24 -32.86 29.83
N ASP A 490 7.88 -33.81 29.14
CA ASP A 490 8.55 -34.96 29.80
C ASP A 490 10.08 -34.81 29.78
N SER A 491 10.63 -33.67 29.34
CA SER A 491 12.10 -33.47 29.26
C SER A 491 12.57 -32.49 30.34
N GLY A 492 13.87 -32.46 30.67
CA GLY A 492 14.48 -31.43 31.54
C GLY A 492 14.40 -30.02 30.92
N LEU A 493 15.18 -29.07 31.43
CA LEU A 493 15.14 -27.63 31.04
C LEU A 493 15.85 -27.38 29.70
N GLU A 494 16.67 -28.32 29.26
CA GLU A 494 17.38 -28.28 27.96
C GLU A 494 16.98 -29.52 27.18
N VAL A 495 16.65 -29.42 25.89
CA VAL A 495 16.17 -30.64 25.17
C VAL A 495 16.31 -30.46 23.68
N ASN A 496 16.73 -31.51 22.96
CA ASN A 496 16.68 -31.55 21.48
C ASN A 496 15.42 -32.33 21.00
N ILE A 497 14.68 -31.84 20.02
CA ILE A 497 13.43 -32.49 19.52
C ILE A 497 13.53 -32.63 18.01
N VAL A 498 13.35 -33.85 17.50
CA VAL A 498 13.37 -34.21 16.07
C VAL A 498 11.95 -34.58 15.68
N THR A 499 11.38 -33.84 14.73
CA THR A 499 10.04 -34.06 14.14
C THR A 499 10.21 -34.09 12.62
N ASP A 500 9.32 -34.77 11.92
CA ASP A 500 9.26 -34.69 10.45
C ASP A 500 8.10 -33.77 10.06
N SER A 501 7.46 -33.14 11.04
CA SER A 501 6.23 -32.34 10.80
C SER A 501 6.56 -30.95 10.19
N GLN A 502 6.43 -30.81 8.86
CA GLN A 502 6.54 -29.47 8.19
C GLN A 502 5.50 -28.52 8.81
N TYR A 503 4.31 -29.01 9.17
CA TYR A 503 3.24 -28.22 9.81
C TYR A 503 3.73 -27.56 11.12
N ALA A 504 4.40 -28.31 12.00
CA ALA A 504 4.82 -27.83 13.35
C ALA A 504 5.96 -26.83 13.19
N LEU A 505 6.93 -27.10 12.31
CA LEU A 505 8.01 -26.14 11.99
C LEU A 505 7.41 -24.80 11.53
N GLY A 506 6.48 -24.83 10.56
CA GLY A 506 5.77 -23.65 10.04
C GLY A 506 5.27 -22.75 11.17
N ILE A 507 4.62 -23.33 12.18
CA ILE A 507 4.03 -22.58 13.31
C ILE A 507 5.15 -22.11 14.22
N ILE A 508 6.01 -23.01 14.69
CA ILE A 508 7.08 -22.63 15.65
C ILE A 508 8.10 -21.65 15.01
N GLN A 509 8.37 -21.73 13.71
CA GLN A 509 9.41 -20.86 13.07
C GLN A 509 8.84 -19.43 12.86
N ALA A 510 7.54 -19.27 13.02
CA ALA A 510 6.83 -17.96 13.00
C ALA A 510 6.76 -17.34 14.41
N GLN A 511 7.29 -18.04 15.43
CA GLN A 511 7.47 -17.54 16.83
C GLN A 511 6.17 -16.96 17.35
N PRO A 512 5.06 -17.72 17.38
CA PRO A 512 3.88 -17.26 18.08
C PRO A 512 4.20 -17.16 19.57
N ASP A 513 3.60 -16.18 20.23
CA ASP A 513 3.56 -16.08 21.70
C ASP A 513 2.13 -16.33 22.16
N LYS A 514 1.17 -16.47 21.23
CA LYS A 514 -0.27 -16.65 21.55
C LYS A 514 -0.99 -17.25 20.34
N SER A 515 -1.99 -18.09 20.59
CA SER A 515 -2.64 -18.96 19.58
C SER A 515 -4.14 -19.11 19.88
N GLU A 516 -4.93 -19.35 18.84
CA GLU A 516 -6.37 -19.71 18.99
C GLU A 516 -6.44 -21.22 19.25
N SER A 517 -5.51 -22.00 18.71
CA SER A 517 -5.32 -23.45 19.02
C SER A 517 -4.82 -23.63 20.45
N GLU A 518 -5.62 -24.24 21.32
CA GLU A 518 -5.24 -24.38 22.76
C GLU A 518 -4.00 -25.28 22.84
N LEU A 519 -3.80 -26.13 21.83
CA LEU A 519 -2.63 -27.06 21.80
C LEU A 519 -1.35 -26.26 21.46
N VAL A 520 -1.42 -25.34 20.50
CA VAL A 520 -0.27 -24.43 20.25
C VAL A 520 0.03 -23.65 21.53
N ASN A 521 -0.99 -23.14 22.27
CA ASN A 521 -0.70 -22.32 23.48
C ASN A 521 0.05 -23.14 24.51
N GLN A 522 -0.26 -24.43 24.60
CA GLN A 522 0.32 -25.30 25.65
C GLN A 522 1.78 -25.52 25.28
N ILE A 523 2.04 -25.71 23.99
CA ILE A 523 3.43 -25.79 23.46
C ILE A 523 4.14 -24.47 23.81
N ILE A 524 3.54 -23.33 23.47
CA ILE A 524 4.15 -22.01 23.81
C ILE A 524 4.50 -21.94 25.30
N GLU A 525 3.62 -22.45 26.17
CA GLU A 525 3.75 -22.34 27.65
C GLU A 525 4.89 -23.25 28.14
N GLN A 526 5.11 -24.39 27.51
CA GLN A 526 6.29 -25.23 27.83
C GLN A 526 7.56 -24.56 27.30
N LEU A 527 7.54 -24.03 26.08
CA LEU A 527 8.74 -23.36 25.49
C LEU A 527 9.16 -22.24 26.45
N ILE A 528 8.21 -21.50 27.02
CA ILE A 528 8.52 -20.39 27.98
C ILE A 528 9.31 -20.92 29.19
N LYS A 529 9.10 -22.16 29.60
CA LYS A 529 9.69 -22.68 30.86
C LYS A 529 11.08 -23.27 30.63
N LYS A 530 11.37 -23.73 29.41
CA LYS A 530 12.64 -24.41 29.07
C LYS A 530 13.80 -23.41 29.11
N GLU A 531 15.00 -23.88 29.44
CA GLU A 531 16.24 -23.07 29.32
C GLU A 531 16.71 -23.07 27.86
N LYS A 532 16.65 -24.21 27.18
CA LYS A 532 17.13 -24.33 25.79
C LYS A 532 16.32 -25.39 25.06
N VAL A 533 15.76 -25.00 23.92
CA VAL A 533 15.14 -25.93 22.96
C VAL A 533 15.85 -25.83 21.61
N TYR A 534 16.26 -26.96 21.05
CA TYR A 534 16.62 -27.11 19.62
C TYR A 534 15.63 -28.04 18.90
N LEU A 535 14.93 -27.50 17.90
CA LEU A 535 13.95 -28.17 17.02
C LEU A 535 14.59 -28.46 15.65
N ALA A 536 14.80 -29.72 15.35
CA ALA A 536 15.39 -30.21 14.09
C ALA A 536 14.29 -30.87 13.30
N TRP A 537 14.28 -30.62 12.01
CA TRP A 537 13.30 -31.20 11.07
C TRP A 537 14.04 -32.24 10.23
N VAL A 538 13.40 -33.40 10.00
CA VAL A 538 13.90 -34.44 9.06
C VAL A 538 12.75 -34.80 8.14
N PRO A 539 13.02 -35.20 6.89
CA PRO A 539 11.95 -35.62 5.98
C PRO A 539 11.33 -36.92 6.50
N ALA A 540 10.01 -37.04 6.36
CA ALA A 540 9.17 -38.23 6.63
C ALA A 540 9.57 -39.42 5.75
N HIS A 541 9.25 -40.65 6.21
CA HIS A 541 9.16 -41.88 5.36
C HIS A 541 10.53 -42.23 4.78
N LYS A 542 11.59 -41.80 5.45
CA LYS A 542 13.00 -42.18 5.16
C LYS A 542 13.46 -43.05 6.31
N GLY A 543 12.50 -43.48 7.13
CA GLY A 543 12.79 -44.31 8.31
C GLY A 543 13.89 -43.72 9.15
N ILE A 544 14.08 -42.40 9.09
CA ILE A 544 14.91 -41.70 10.11
C ILE A 544 14.28 -42.30 11.35
N GLY A 545 15.18 -42.90 12.14
CA GLY A 545 14.79 -43.90 13.16
C GLY A 545 14.62 -43.09 14.40
N GLY A 546 13.68 -43.50 15.24
CA GLY A 546 13.02 -42.63 16.23
C GLY A 546 11.92 -41.82 15.56
N ASN A 547 12.00 -41.73 14.22
CA ASN A 547 10.88 -41.27 13.35
C ASN A 547 10.31 -42.48 12.60
N GLU A 548 11.08 -43.60 12.58
CA GLU A 548 10.73 -44.95 12.04
C GLU A 548 10.40 -45.91 13.19
N GLN A 549 11.26 -45.91 14.22
CA GLN A 549 11.03 -46.65 15.50
C GLN A 549 9.86 -46.01 16.28
N VAL A 550 9.27 -44.91 15.79
CA VAL A 550 8.06 -44.26 16.41
C VAL A 550 6.95 -43.95 15.37
N ASP A 551 7.18 -44.09 14.05
CA ASP A 551 6.09 -44.10 13.01
C ASP A 551 5.43 -45.49 12.93
N LYS A 552 6.13 -46.54 13.40
CA LYS A 552 5.66 -47.97 13.43
C LYS A 552 4.94 -48.25 14.77
N LEU A 553 5.22 -47.47 15.81
CA LEU A 553 4.58 -47.54 17.15
C LEU A 553 3.31 -46.70 17.19
N VAL A 554 3.25 -45.58 16.43
CA VAL A 554 2.11 -44.60 16.43
C VAL A 554 1.13 -44.89 15.27
N SER A 555 1.49 -45.81 14.35
CA SER A 555 0.61 -46.26 13.24
C SER A 555 0.19 -47.73 13.48
N ALA A 556 0.25 -48.19 14.75
CA ALA A 556 -0.05 -49.57 15.19
C ALA A 556 -1.49 -49.69 15.68
N ILE B 6 7.51 16.62 -34.91
CA ILE B 6 6.54 17.73 -34.61
C ILE B 6 5.13 17.17 -34.38
N GLU B 7 4.70 16.18 -35.18
CA GLU B 7 3.30 15.63 -35.13
C GLU B 7 3.28 14.27 -34.40
N THR B 8 2.21 14.02 -33.64
CA THR B 8 2.05 12.84 -32.74
C THR B 8 1.84 11.49 -33.44
N VAL B 9 1.48 10.49 -32.63
CA VAL B 9 1.25 9.10 -33.12
C VAL B 9 -0.06 8.60 -32.52
N PRO B 10 -0.96 7.98 -33.31
CA PRO B 10 -2.23 7.50 -32.79
C PRO B 10 -2.01 6.40 -31.74
N VAL B 11 -2.32 6.70 -30.49
CA VAL B 11 -2.22 5.72 -29.37
C VAL B 11 -3.61 5.52 -28.77
N LYS B 12 -3.91 4.32 -28.25
CA LYS B 12 -5.22 3.95 -27.65
C LYS B 12 -4.99 3.01 -26.45
N LEU B 13 -6.06 2.69 -25.72
CA LEU B 13 -6.08 1.58 -24.71
C LEU B 13 -6.51 0.29 -25.41
N LYS B 14 -6.56 -0.80 -24.65
CA LYS B 14 -6.99 -2.08 -25.24
C LYS B 14 -8.51 -2.17 -25.13
N PRO B 15 -9.15 -3.10 -25.88
CA PRO B 15 -10.60 -3.31 -25.95
C PRO B 15 -11.59 -2.57 -25.04
N GLY B 16 -12.07 -3.24 -23.99
CA GLY B 16 -13.08 -2.62 -23.10
C GLY B 16 -12.48 -2.17 -21.78
N MET B 17 -11.21 -1.81 -21.76
CA MET B 17 -10.56 -1.37 -20.52
C MET B 17 -10.57 0.15 -20.47
N ASP B 18 -10.91 0.72 -19.30
CA ASP B 18 -10.88 2.19 -19.11
C ASP B 18 -9.46 2.65 -18.74
N GLY B 19 -9.20 3.96 -18.83
CA GLY B 19 -8.00 4.60 -18.26
C GLY B 19 -7.86 4.28 -16.76
N PRO B 20 -6.67 4.48 -16.16
CA PRO B 20 -6.45 4.15 -14.76
C PRO B 20 -7.11 5.13 -13.78
N LYS B 21 -7.65 4.59 -12.69
CA LYS B 21 -8.24 5.40 -11.61
C LYS B 21 -7.61 4.86 -10.33
N VAL B 22 -6.36 5.25 -10.08
CA VAL B 22 -5.58 4.74 -8.92
C VAL B 22 -5.44 5.81 -7.85
N LYS B 23 -5.78 5.45 -6.62
CA LYS B 23 -5.67 6.37 -5.46
C LYS B 23 -4.24 6.84 -5.31
N GLN B 24 -4.04 8.14 -5.03
CA GLN B 24 -2.69 8.67 -4.78
C GLN B 24 -2.39 8.39 -3.31
N TRP B 25 -1.20 7.90 -2.97
CA TRP B 25 -0.93 7.54 -1.56
C TRP B 25 -0.30 8.73 -0.85
N PRO B 26 -0.27 8.75 0.50
CA PRO B 26 0.28 9.85 1.27
C PRO B 26 1.77 10.12 1.04
N LEU B 27 2.10 11.41 0.99
CA LEU B 27 3.48 11.92 0.78
C LEU B 27 3.90 12.83 1.94
N THR B 28 5.16 12.75 2.34
CA THR B 28 5.77 13.66 3.33
C THR B 28 5.80 15.07 2.76
N GLU B 29 5.90 16.08 3.63
CA GLU B 29 5.91 17.51 3.26
C GLU B 29 7.07 17.80 2.32
N GLU B 30 8.22 17.16 2.49
CA GLU B 30 9.43 17.51 1.70
C GLU B 30 9.27 16.95 0.27
N LYS B 31 8.56 15.83 0.10
CA LYS B 31 8.34 15.21 -1.24
C LYS B 31 7.23 15.99 -1.96
N ILE B 32 6.26 16.50 -1.20
CA ILE B 32 5.25 17.42 -1.76
C ILE B 32 5.95 18.68 -2.27
N LYS B 33 6.85 19.29 -1.48
CA LYS B 33 7.57 20.53 -1.84
C LYS B 33 8.39 20.33 -3.14
N ALA B 34 9.21 19.28 -3.20
CA ALA B 34 9.96 18.83 -4.37
C ALA B 34 9.07 18.71 -5.61
N LEU B 35 7.91 18.04 -5.49
CA LEU B 35 6.98 17.83 -6.64
C LEU B 35 6.32 19.16 -7.05
N VAL B 36 6.09 20.07 -6.11
CA VAL B 36 5.50 21.39 -6.45
C VAL B 36 6.54 22.16 -7.29
N GLU B 37 7.80 22.19 -6.86
CA GLU B 37 8.84 22.95 -7.59
C GLU B 37 9.07 22.29 -8.96
N ILE B 38 9.20 20.97 -9.00
CA ILE B 38 9.50 20.22 -10.25
C ILE B 38 8.35 20.44 -11.24
N CYS B 39 7.11 20.22 -10.81
CA CYS B 39 5.91 20.30 -11.69
C CYS B 39 5.67 21.75 -12.16
N THR B 40 5.94 22.76 -11.32
CA THR B 40 5.74 24.21 -11.63
C THR B 40 6.62 24.61 -12.83
N GLU B 41 7.79 23.98 -12.96
CA GLU B 41 8.80 24.27 -14.02
C GLU B 41 8.43 23.49 -15.30
N MET B 42 8.04 22.20 -15.19
CA MET B 42 7.60 21.38 -16.36
C MET B 42 6.44 22.08 -17.08
N GLU B 43 5.58 22.75 -16.30
CA GLU B 43 4.38 23.51 -16.77
C GLU B 43 4.80 24.72 -17.63
N LYS B 44 5.78 25.48 -17.13
CA LYS B 44 6.40 26.62 -17.85
C LYS B 44 7.02 26.12 -19.16
N GLU B 45 7.61 24.92 -19.17
CA GLU B 45 8.31 24.34 -20.35
C GLU B 45 7.33 23.54 -21.25
N GLY B 46 6.04 23.48 -20.91
CA GLY B 46 4.98 22.88 -21.74
C GLY B 46 4.85 21.37 -21.57
N LYS B 47 5.70 20.74 -20.75
CA LYS B 47 5.72 19.26 -20.59
C LYS B 47 4.39 18.78 -19.97
N ILE B 48 3.79 19.62 -19.10
CA ILE B 48 2.49 19.29 -18.44
C ILE B 48 1.56 20.52 -18.42
N SER B 49 0.28 20.28 -18.13
CA SER B 49 -0.82 21.27 -18.07
C SER B 49 -1.81 20.89 -16.98
N LYS B 50 -2.33 21.89 -16.26
CA LYS B 50 -3.42 21.68 -15.27
C LYS B 50 -4.64 21.12 -16.01
N ILE B 51 -5.49 20.40 -15.28
CA ILE B 51 -6.75 19.79 -15.78
C ILE B 51 -7.86 20.07 -14.77
N GLY B 52 -9.11 19.94 -15.21
CA GLY B 52 -10.30 20.20 -14.39
C GLY B 52 -10.94 18.88 -13.95
N PRO B 53 -12.03 18.95 -13.15
CA PRO B 53 -12.64 17.76 -12.57
C PRO B 53 -13.31 16.81 -13.60
N GLU B 54 -13.43 17.27 -14.85
CA GLU B 54 -14.05 16.46 -15.94
C GLU B 54 -13.12 15.29 -16.30
N ASN B 55 -11.85 15.32 -15.87
CA ASN B 55 -10.88 14.20 -16.00
C ASN B 55 -10.91 13.35 -14.72
N PRO B 56 -11.42 12.10 -14.79
CA PRO B 56 -11.52 11.26 -13.60
C PRO B 56 -10.32 10.34 -13.38
N TYR B 57 -9.33 10.38 -14.29
CA TYR B 57 -8.17 9.44 -14.32
C TYR B 57 -7.18 9.88 -13.25
N ASN B 58 -6.58 8.90 -12.56
CA ASN B 58 -5.39 9.15 -11.71
C ASN B 58 -4.37 8.01 -11.84
N THR B 59 -3.10 8.41 -11.85
CA THR B 59 -1.90 7.55 -11.61
C THR B 59 -1.16 8.14 -10.41
N PRO B 60 -0.69 7.30 -9.44
CA PRO B 60 0.14 7.76 -8.34
C PRO B 60 1.43 8.46 -8.80
N VAL B 61 1.91 9.41 -7.98
CA VAL B 61 3.21 10.11 -8.18
C VAL B 61 4.00 10.18 -6.86
N PHE B 62 5.33 10.17 -6.94
CA PHE B 62 6.19 10.45 -5.76
C PHE B 62 7.53 11.00 -6.22
N ALA B 63 8.43 11.20 -5.26
CA ALA B 63 9.75 11.84 -5.47
C ALA B 63 10.85 10.93 -4.90
N ILE B 64 11.91 10.70 -5.68
CA ILE B 64 13.10 9.91 -5.24
C ILE B 64 14.32 10.80 -5.38
N LYS B 65 15.46 10.32 -4.89
CA LYS B 65 16.81 10.80 -5.27
C LYS B 65 17.53 9.63 -5.93
N LYS B 66 17.85 9.76 -7.22
CA LYS B 66 18.57 8.71 -7.97
C LYS B 66 19.91 8.47 -7.27
N LYS B 67 20.57 7.37 -7.64
CA LYS B 67 21.89 6.90 -7.11
C LYS B 67 22.76 8.17 -7.23
N ASP B 68 23.54 8.45 -6.18
CA ASP B 68 24.50 9.58 -6.11
C ASP B 68 24.02 10.85 -6.81
N SER B 69 23.03 11.55 -6.27
CA SER B 69 22.69 12.88 -6.90
C SER B 69 22.44 14.17 -6.06
N THR B 70 21.68 14.16 -4.93
CA THR B 70 21.19 15.34 -4.15
C THR B 70 20.33 16.37 -4.92
N LYS B 71 19.45 15.91 -5.83
CA LYS B 71 18.30 16.70 -6.36
C LYS B 71 17.14 15.73 -6.64
N TRP B 72 15.93 16.09 -6.18
CA TRP B 72 14.70 15.26 -6.27
C TRP B 72 14.34 14.97 -7.73
N ARG B 73 13.76 13.80 -7.99
CA ARG B 73 13.25 13.41 -9.32
C ARG B 73 11.79 12.97 -9.14
N LYS B 74 10.94 13.32 -10.10
CA LYS B 74 9.52 12.90 -10.14
C LYS B 74 9.49 11.48 -10.68
N LEU B 75 8.89 10.55 -9.94
CA LEU B 75 8.63 9.19 -10.46
C LEU B 75 7.10 8.98 -10.52
N VAL B 76 6.58 8.59 -11.67
CA VAL B 76 5.14 8.24 -11.85
C VAL B 76 5.03 6.72 -11.83
N ASP B 77 4.19 6.16 -10.97
CA ASP B 77 3.92 4.70 -10.96
C ASP B 77 2.86 4.39 -12.02
N PHE B 78 3.31 4.30 -13.27
CA PHE B 78 2.47 4.00 -14.46
C PHE B 78 2.14 2.51 -14.60
N ARG B 79 2.35 1.68 -13.56
CA ARG B 79 2.13 0.22 -13.71
C ARG B 79 0.75 -0.06 -14.31
N GLU B 80 -0.27 0.68 -13.89
CA GLU B 80 -1.68 0.41 -14.26
C GLU B 80 -1.93 0.89 -15.70
N LEU B 81 -1.49 2.09 -16.03
CA LEU B 81 -1.61 2.60 -17.43
C LEU B 81 -0.89 1.61 -18.36
N ASN B 82 0.30 1.13 -17.97
CA ASN B 82 1.15 0.20 -18.76
C ASN B 82 0.38 -1.09 -19.07
N LYS B 83 -0.17 -1.76 -18.05
CA LYS B 83 -1.03 -2.97 -18.22
C LYS B 83 -2.11 -2.69 -19.28
N ARG B 84 -2.69 -1.49 -19.27
CA ARG B 84 -3.91 -1.13 -20.03
C ARG B 84 -3.56 -0.50 -21.38
N THR B 85 -2.27 -0.23 -21.62
CA THR B 85 -1.79 0.52 -22.82
C THR B 85 -1.62 -0.47 -23.97
N GLN B 86 -2.23 -0.18 -25.13
CA GLN B 86 -2.21 -1.01 -26.37
C GLN B 86 -0.78 -1.48 -26.67
N ASP B 87 -0.63 -2.76 -26.98
CA ASP B 87 0.69 -3.35 -27.33
C ASP B 87 1.14 -2.72 -28.64
N PHE B 88 2.40 -2.30 -28.72
CA PHE B 88 3.00 -1.57 -29.88
C PHE B 88 3.76 -2.54 -30.80
N TRP B 89 3.00 -3.37 -31.53
CA TRP B 89 3.50 -4.41 -32.48
C TRP B 89 3.34 -3.94 -33.93
N GLU B 90 2.70 -2.78 -34.17
CA GLU B 90 2.15 -2.37 -35.50
C GLU B 90 3.23 -2.51 -36.61
N VAL B 91 4.38 -1.84 -36.46
CA VAL B 91 5.47 -1.82 -37.51
C VAL B 91 6.39 -3.03 -37.29
N GLN B 92 6.88 -3.21 -36.07
CA GLN B 92 7.91 -4.20 -35.67
C GLN B 92 7.29 -5.19 -34.67
N LEU B 93 7.53 -6.49 -34.86
CA LEU B 93 7.01 -7.60 -34.01
C LEU B 93 7.55 -7.45 -32.58
N GLY B 94 8.62 -6.67 -32.40
CA GLY B 94 9.08 -6.13 -31.12
C GLY B 94 10.48 -5.57 -31.20
N ILE B 95 11.24 -5.70 -30.11
CA ILE B 95 12.73 -5.54 -30.04
C ILE B 95 13.29 -6.92 -29.71
N PRO B 96 13.56 -7.81 -30.70
CA PRO B 96 13.93 -9.20 -30.42
C PRO B 96 15.14 -9.21 -29.47
N HIS B 97 14.90 -9.59 -28.22
CA HIS B 97 15.79 -9.26 -27.08
C HIS B 97 17.22 -9.63 -27.44
N PRO B 98 18.19 -8.70 -27.31
CA PRO B 98 19.59 -9.02 -27.58
C PRO B 98 20.20 -9.99 -26.55
N ALA B 99 20.21 -11.28 -26.90
CA ALA B 99 20.81 -12.40 -26.13
C ALA B 99 22.31 -12.17 -25.91
N GLY B 100 22.91 -11.26 -26.68
CA GLY B 100 24.34 -10.93 -26.59
C GLY B 100 24.67 -10.08 -25.40
N LEU B 101 23.72 -9.24 -24.96
CA LEU B 101 23.97 -8.19 -23.93
C LEU B 101 24.49 -8.84 -22.65
N LYS B 102 23.93 -10.01 -22.30
CA LYS B 102 24.17 -10.73 -21.02
C LYS B 102 25.52 -11.43 -21.02
N LYS B 103 26.15 -11.61 -22.19
CA LYS B 103 27.48 -12.28 -22.33
C LYS B 103 28.61 -11.26 -22.21
N LYS B 104 28.33 -9.96 -22.39
CA LYS B 104 29.36 -8.88 -22.41
C LYS B 104 30.04 -8.77 -21.04
N LYS B 105 31.34 -8.49 -21.04
CA LYS B 105 32.18 -8.38 -19.81
C LYS B 105 31.60 -7.26 -18.93
N SER B 106 31.17 -6.17 -19.55
CA SER B 106 30.68 -4.96 -18.86
C SER B 106 29.44 -4.41 -19.58
N VAL B 107 28.50 -3.83 -18.83
CA VAL B 107 27.27 -3.17 -19.35
C VAL B 107 27.06 -1.89 -18.55
N THR B 108 27.04 -0.72 -19.20
CA THR B 108 26.75 0.57 -18.53
C THR B 108 25.30 0.93 -18.82
N VAL B 109 24.58 1.44 -17.80
CA VAL B 109 23.12 1.79 -17.84
C VAL B 109 23.01 3.31 -17.83
N LEU B 110 22.30 3.88 -18.81
CA LEU B 110 22.22 5.36 -19.02
C LEU B 110 20.77 5.83 -19.02
N ASP B 111 20.48 6.87 -18.22
CA ASP B 111 19.14 7.53 -18.13
C ASP B 111 19.04 8.52 -19.30
N VAL B 112 18.39 8.06 -20.36
CA VAL B 112 18.08 8.85 -21.58
C VAL B 112 16.60 9.25 -21.52
N GLY B 113 16.05 9.37 -20.31
CA GLY B 113 14.60 9.57 -20.08
C GLY B 113 14.14 10.94 -20.55
N ASP B 114 14.97 11.96 -20.28
CA ASP B 114 14.74 13.38 -20.66
C ASP B 114 14.51 13.52 -22.18
N ALA B 115 15.18 12.70 -23.00
CA ALA B 115 14.93 12.63 -24.46
C ALA B 115 13.43 12.71 -24.75
N TYR B 116 12.62 11.93 -24.04
CA TYR B 116 11.18 11.70 -24.36
C TYR B 116 10.39 13.01 -24.33
N PHE B 117 10.84 13.98 -23.54
CA PHE B 117 10.08 15.21 -23.19
C PHE B 117 10.10 16.19 -24.37
N SER B 118 10.91 15.93 -25.41
CA SER B 118 10.95 16.67 -26.69
C SER B 118 9.86 16.18 -27.64
N VAL B 119 9.26 15.01 -27.43
CA VAL B 119 8.25 14.43 -28.38
C VAL B 119 6.84 14.57 -27.81
N PRO B 120 5.88 15.19 -28.54
CA PRO B 120 4.52 15.33 -28.03
C PRO B 120 3.71 14.03 -28.00
N LEU B 121 2.64 14.03 -27.19
CA LEU B 121 1.78 12.84 -26.98
C LEU B 121 0.48 13.04 -27.79
N ASP B 122 -0.15 11.90 -28.13
CA ASP B 122 -1.49 11.91 -28.77
C ASP B 122 -2.28 12.90 -27.87
N GLU B 123 -3.20 13.66 -28.45
CA GLU B 123 -4.08 14.64 -27.79
C GLU B 123 -5.17 13.90 -27.01
N ASP B 124 -5.66 12.81 -27.60
CA ASP B 124 -6.77 11.98 -27.07
C ASP B 124 -6.27 11.23 -25.84
N PHE B 125 -5.00 10.82 -25.86
CA PHE B 125 -4.40 9.92 -24.84
C PHE B 125 -4.08 10.70 -23.56
N ARG B 126 -3.72 11.98 -23.68
CA ARG B 126 -3.20 12.87 -22.60
C ARG B 126 -3.98 12.68 -21.28
N LYS B 127 -5.32 12.63 -21.33
CA LYS B 127 -6.21 12.46 -20.15
C LYS B 127 -5.83 11.23 -19.31
N TYR B 128 -5.22 10.21 -19.95
CA TYR B 128 -4.90 8.94 -19.27
C TYR B 128 -3.64 9.09 -18.42
N THR B 129 -2.81 10.13 -18.65
CA THR B 129 -1.53 10.37 -17.92
C THR B 129 -1.78 11.20 -16.65
N ALA B 130 -3.01 11.25 -16.14
CA ALA B 130 -3.40 12.24 -15.13
C ALA B 130 -2.80 11.84 -13.80
N PHE B 131 -2.25 12.81 -13.09
CA PHE B 131 -1.79 12.63 -11.70
C PHE B 131 -2.04 13.87 -10.86
N THR B 132 -1.84 13.71 -9.55
CA THR B 132 -2.27 14.62 -8.47
C THR B 132 -1.08 14.88 -7.53
N ILE B 133 -0.67 16.13 -7.33
CA ILE B 133 0.22 16.43 -6.17
C ILE B 133 -0.67 16.63 -4.95
N PRO B 134 -0.66 15.75 -3.94
CA PRO B 134 -1.56 15.87 -2.80
C PRO B 134 -1.11 16.99 -1.87
N SER B 135 -2.01 17.38 -0.97
CA SER B 135 -1.74 18.35 0.11
C SER B 135 -1.79 17.62 1.44
N ILE B 136 -0.99 18.08 2.38
CA ILE B 136 -1.01 17.65 3.80
C ILE B 136 -2.42 17.87 4.36
N ASN B 137 -2.90 16.86 5.08
CA ASN B 137 -4.16 16.91 5.88
C ASN B 137 -5.33 17.32 4.99
N ASN B 138 -5.21 17.12 3.67
CA ASN B 138 -6.30 17.40 2.69
C ASN B 138 -6.74 18.87 2.80
N GLU B 139 -5.80 19.77 3.10
CA GLU B 139 -6.11 21.18 3.46
C GLU B 139 -6.50 22.00 2.23
N THR B 140 -5.85 21.76 1.08
CA THR B 140 -6.19 22.35 -0.25
C THR B 140 -6.55 21.18 -1.14
N PRO B 141 -7.36 21.35 -2.20
CA PRO B 141 -7.54 20.25 -3.14
C PRO B 141 -6.18 19.90 -3.77
N GLY B 142 -6.07 18.66 -4.26
CA GLY B 142 -4.87 18.19 -4.97
C GLY B 142 -4.59 19.03 -6.20
N ILE B 143 -3.33 19.36 -6.44
CA ILE B 143 -2.88 19.96 -7.73
C ILE B 143 -2.88 18.89 -8.84
N ARG B 144 -3.79 19.01 -9.79
CA ARG B 144 -4.06 18.02 -10.88
C ARG B 144 -3.39 18.44 -12.20
N TYR B 145 -2.78 17.47 -12.87
CA TYR B 145 -1.93 17.69 -14.06
C TYR B 145 -2.13 16.55 -15.06
N GLN B 146 -1.93 16.80 -16.35
CA GLN B 146 -1.80 15.74 -17.40
C GLN B 146 -0.56 16.02 -18.24
N TYR B 147 0.00 14.98 -18.86
CA TYR B 147 1.15 15.10 -19.79
C TYR B 147 0.70 15.58 -21.18
N ASN B 148 1.57 16.38 -21.79
CA ASN B 148 1.47 16.91 -23.18
C ASN B 148 2.46 16.15 -24.06
N VAL B 149 3.64 15.85 -23.52
CA VAL B 149 4.73 15.06 -24.16
C VAL B 149 4.74 13.63 -23.59
N LEU B 150 5.61 12.75 -24.12
CA LEU B 150 5.70 11.31 -23.71
C LEU B 150 6.24 11.23 -22.28
N PRO B 151 5.56 10.56 -21.32
CA PRO B 151 5.99 10.59 -19.93
C PRO B 151 7.08 9.54 -19.66
N GLN B 152 8.03 9.87 -18.79
CA GLN B 152 8.98 8.88 -18.23
C GLN B 152 8.17 7.79 -17.52
N GLY B 153 8.46 6.52 -17.81
CA GLY B 153 7.92 5.36 -17.07
C GLY B 153 6.73 4.77 -17.78
N TRP B 154 6.22 5.44 -18.81
CA TRP B 154 5.09 4.89 -19.62
C TRP B 154 5.68 3.93 -20.66
N LYS B 155 5.05 2.78 -20.91
CA LYS B 155 5.59 1.72 -21.82
C LYS B 155 5.64 2.26 -23.25
N GLY B 156 4.72 3.16 -23.61
CA GLY B 156 4.60 3.74 -24.96
C GLY B 156 5.74 4.69 -25.30
N SER B 157 6.41 5.23 -24.29
CA SER B 157 7.45 6.28 -24.48
C SER B 157 8.63 5.74 -25.28
N PRO B 158 9.26 4.61 -24.88
CA PRO B 158 10.32 4.01 -25.70
C PRO B 158 9.86 3.57 -27.11
N ALA B 159 8.64 3.01 -27.22
CA ALA B 159 8.07 2.44 -28.46
C ALA B 159 7.88 3.54 -29.51
N ILE B 160 7.35 4.69 -29.07
CA ILE B 160 7.15 5.91 -29.91
C ILE B 160 8.51 6.49 -30.28
N PHE B 161 9.42 6.62 -29.32
CA PHE B 161 10.75 7.26 -29.52
C PHE B 161 11.72 6.31 -30.25
N GLN B 162 11.34 5.06 -30.47
CA GLN B 162 12.25 4.00 -31.01
C GLN B 162 12.87 4.49 -32.32
N SER B 163 12.04 4.82 -33.32
CA SER B 163 12.44 5.39 -34.64
C SER B 163 13.48 6.51 -34.45
N SER B 164 13.17 7.52 -33.63
CA SER B 164 14.08 8.65 -33.26
C SER B 164 15.37 8.12 -32.64
N MET B 165 15.30 7.07 -31.81
CA MET B 165 16.48 6.58 -31.04
C MET B 165 17.44 5.91 -32.04
N THR B 166 16.87 5.09 -32.94
CA THR B 166 17.56 4.46 -34.10
C THR B 166 18.43 5.48 -34.85
N LYS B 167 17.86 6.63 -35.20
CA LYS B 167 18.48 7.64 -36.10
C LYS B 167 19.56 8.42 -35.33
N ILE B 168 19.50 8.42 -33.99
CA ILE B 168 20.50 9.09 -33.10
C ILE B 168 21.69 8.14 -32.86
N LEU B 169 21.52 6.85 -33.15
CA LEU B 169 22.49 5.78 -32.75
C LEU B 169 23.36 5.33 -33.93
N GLU B 170 22.79 5.20 -35.13
CA GLU B 170 23.42 4.56 -36.32
C GLU B 170 24.88 4.99 -36.48
N PRO B 171 25.20 6.31 -36.39
CA PRO B 171 26.60 6.75 -36.44
C PRO B 171 27.54 5.95 -35.52
N PHE B 172 27.18 5.85 -34.24
CA PHE B 172 27.99 5.19 -33.16
C PHE B 172 27.97 3.66 -33.36
N LYS B 173 26.78 3.10 -33.61
CA LYS B 173 26.56 1.64 -33.80
C LYS B 173 27.40 1.13 -34.99
N LYS B 174 27.65 1.97 -36.00
CA LYS B 174 28.45 1.61 -37.20
C LYS B 174 29.90 2.06 -37.01
N GLN B 175 30.15 3.05 -36.15
CA GLN B 175 31.51 3.40 -35.65
C GLN B 175 32.03 2.25 -34.79
N ASN B 176 31.22 1.73 -33.85
CA ASN B 176 31.60 0.71 -32.85
C ASN B 176 30.63 -0.47 -32.93
N PRO B 177 30.90 -1.48 -33.81
CA PRO B 177 29.94 -2.56 -34.04
C PRO B 177 30.04 -3.75 -33.07
N ASP B 178 30.98 -3.68 -32.13
CA ASP B 178 31.17 -4.69 -31.05
C ASP B 178 30.27 -4.33 -29.87
N ILE B 179 30.16 -3.04 -29.56
CA ILE B 179 29.20 -2.46 -28.59
C ILE B 179 27.81 -3.06 -28.83
N VAL B 180 27.15 -3.55 -27.76
CA VAL B 180 25.70 -3.89 -27.76
C VAL B 180 24.95 -2.74 -27.09
N ILE B 181 23.84 -2.31 -27.70
CA ILE B 181 22.99 -1.20 -27.17
C ILE B 181 21.55 -1.69 -27.09
N TYR B 182 20.92 -1.45 -25.94
CA TYR B 182 19.55 -1.91 -25.61
C TYR B 182 18.87 -0.89 -24.70
N GLN B 183 17.58 -0.70 -24.95
CA GLN B 183 16.69 0.32 -24.33
C GLN B 183 15.57 -0.43 -23.58
N TYR B 184 15.50 -0.28 -22.25
CA TYR B 184 14.29 -0.66 -21.46
C TYR B 184 13.79 0.60 -20.76
N MET B 185 12.50 0.92 -20.92
CA MET B 185 11.83 2.12 -20.31
C MET B 185 12.69 3.37 -20.54
N ASP B 186 13.11 4.05 -19.47
CA ASP B 186 13.85 5.34 -19.55
C ASP B 186 15.36 5.07 -19.63
N ASP B 187 15.76 3.81 -19.79
CA ASP B 187 17.16 3.37 -19.58
C ASP B 187 17.75 2.83 -20.88
N LEU B 188 19.01 3.17 -21.14
CA LEU B 188 19.82 2.60 -22.26
C LEU B 188 20.93 1.74 -21.65
N TYR B 189 21.11 0.52 -22.16
CA TYR B 189 22.09 -0.48 -21.63
C TYR B 189 23.16 -0.75 -22.68
N VAL B 190 24.40 -0.40 -22.35
CA VAL B 190 25.56 -0.37 -23.31
C VAL B 190 26.63 -1.38 -22.89
N GLY B 191 26.71 -2.50 -23.61
CA GLY B 191 27.64 -3.61 -23.33
C GLY B 191 28.83 -3.62 -24.28
N SER B 192 29.98 -4.14 -23.83
CA SER B 192 31.22 -4.34 -24.63
C SER B 192 32.08 -5.48 -24.05
N ASP B 193 33.14 -5.85 -24.78
CA ASP B 193 34.09 -6.91 -24.34
C ASP B 193 35.44 -6.26 -23.99
N LEU B 194 35.45 -4.96 -23.70
CA LEU B 194 36.68 -4.15 -23.47
C LEU B 194 37.15 -4.24 -22.01
N GLU B 195 38.29 -3.59 -21.73
CA GLU B 195 38.77 -3.19 -20.38
C GLU B 195 38.12 -1.84 -20.02
N ILE B 196 38.02 -1.52 -18.72
CA ILE B 196 37.11 -0.47 -18.12
C ILE B 196 37.46 0.93 -18.64
N GLY B 197 38.73 1.35 -18.54
CA GLY B 197 39.15 2.73 -18.86
C GLY B 197 38.60 3.13 -20.21
N GLN B 198 38.72 2.21 -21.18
CA GLN B 198 38.24 2.35 -22.58
C GLN B 198 36.71 2.39 -22.61
N HIS B 199 36.07 1.37 -22.01
CA HIS B 199 34.59 1.29 -21.82
C HIS B 199 34.10 2.66 -21.34
N ARG B 200 34.67 3.20 -20.25
CA ARG B 200 34.29 4.50 -19.65
C ARG B 200 34.38 5.61 -20.71
N THR B 201 35.39 5.52 -21.59
CA THR B 201 35.59 6.45 -22.74
C THR B 201 34.42 6.32 -23.71
N LYS B 202 34.15 5.10 -24.20
CA LYS B 202 33.06 4.78 -25.17
C LYS B 202 31.71 5.30 -24.64
N ILE B 203 31.53 5.36 -23.33
CA ILE B 203 30.31 5.92 -22.67
C ILE B 203 30.30 7.44 -22.84
N GLU B 204 31.34 8.12 -22.34
CA GLU B 204 31.51 9.60 -22.40
C GLU B 204 31.29 10.09 -23.84
N GLU B 205 31.77 9.34 -24.84
CA GLU B 205 31.57 9.60 -26.29
C GLU B 205 30.08 9.56 -26.63
N LEU B 206 29.35 8.57 -26.10
CA LEU B 206 27.91 8.32 -26.40
C LEU B 206 27.04 9.42 -25.77
N ARG B 207 27.58 10.20 -24.84
CA ARG B 207 26.91 11.41 -24.26
C ARG B 207 27.02 12.59 -25.24
N GLN B 208 28.16 12.69 -25.95
CA GLN B 208 28.46 13.82 -26.87
C GLN B 208 27.55 13.74 -28.09
N HIS B 209 27.00 12.55 -28.36
CA HIS B 209 26.01 12.31 -29.45
C HIS B 209 24.66 12.87 -29.03
N LEU B 210 24.25 12.57 -27.78
CA LEU B 210 22.92 12.88 -27.22
C LEU B 210 22.85 14.37 -26.84
N LEU B 211 23.97 14.93 -26.36
CA LEU B 211 24.15 16.38 -26.11
C LEU B 211 24.05 17.14 -27.44
N ARG B 212 24.58 16.56 -28.53
CA ARG B 212 24.55 17.17 -29.90
C ARG B 212 23.13 17.14 -30.47
N TRP B 213 22.40 16.03 -30.29
CA TRP B 213 20.95 15.97 -30.60
C TRP B 213 20.18 16.75 -29.51
N GLY B 214 20.83 17.09 -28.39
CA GLY B 214 20.29 17.93 -27.29
C GLY B 214 19.87 19.31 -27.73
N LEU B 215 20.71 20.01 -28.51
CA LEU B 215 20.40 21.31 -29.16
C LEU B 215 20.26 21.08 -30.67
N THR B 216 19.02 21.07 -31.16
CA THR B 216 18.67 20.76 -32.58
C THR B 216 17.26 21.28 -32.89
N GLU B 225 20.55 21.99 -20.31
CA GLU B 225 21.25 21.06 -19.38
C GLU B 225 20.26 20.03 -18.86
N PRO B 226 20.20 18.80 -19.44
CA PRO B 226 19.39 17.72 -18.89
C PRO B 226 19.87 17.30 -17.50
N PRO B 227 18.95 17.04 -16.54
CA PRO B 227 19.32 16.95 -15.12
C PRO B 227 19.99 15.65 -14.66
N PHE B 228 19.53 14.50 -15.17
CA PHE B 228 19.94 13.13 -14.73
C PHE B 228 20.54 12.33 -15.90
N LEU B 229 21.09 13.02 -16.92
CA LEU B 229 21.64 12.41 -18.16
C LEU B 229 23.14 12.12 -18.00
N TRP B 230 23.80 12.69 -16.99
CA TRP B 230 25.27 12.62 -16.77
C TRP B 230 25.69 11.41 -15.91
N MET B 231 24.76 10.54 -15.51
CA MET B 231 25.00 9.41 -14.56
C MET B 231 25.25 8.10 -15.32
N GLY B 232 26.04 7.20 -14.74
CA GLY B 232 26.47 5.92 -15.34
C GLY B 232 26.64 4.80 -14.32
N TYR B 233 25.90 3.70 -14.51
CA TYR B 233 25.84 2.51 -13.63
C TYR B 233 26.63 1.38 -14.28
N GLU B 234 27.37 0.57 -13.52
CA GLU B 234 28.32 -0.45 -14.05
C GLU B 234 27.96 -1.86 -13.59
N LEU B 235 27.67 -2.76 -14.55
CA LEU B 235 27.34 -4.20 -14.32
C LEU B 235 28.45 -5.06 -14.90
N HIS B 236 28.44 -6.35 -14.57
CA HIS B 236 29.36 -7.39 -15.12
C HIS B 236 28.57 -8.69 -15.23
N PRO B 237 27.93 -8.94 -16.40
CA PRO B 237 27.07 -10.11 -16.60
C PRO B 237 27.71 -11.44 -17.04
N ASP B 238 29.02 -11.49 -17.25
CA ASP B 238 29.80 -12.76 -17.34
C ASP B 238 30.53 -12.97 -16.01
N LYS B 239 30.64 -11.91 -15.20
CA LYS B 239 31.05 -11.94 -13.77
C LYS B 239 29.82 -12.16 -12.88
N TRP B 240 28.65 -12.42 -13.49
CA TRP B 240 27.51 -13.10 -12.80
C TRP B 240 27.73 -14.62 -12.89
N THR B 241 27.07 -15.34 -11.99
CA THR B 241 27.13 -16.82 -11.87
C THR B 241 25.77 -17.31 -11.32
N VAL B 242 25.15 -18.31 -11.96
CA VAL B 242 24.09 -19.14 -11.28
C VAL B 242 24.83 -19.88 -10.14
N GLN B 243 24.15 -20.55 -9.21
CA GLN B 243 24.88 -21.23 -8.11
C GLN B 243 24.62 -22.73 -8.14
N PRO B 244 25.68 -23.57 -8.17
CA PRO B 244 25.54 -24.98 -7.86
C PRO B 244 25.01 -25.22 -6.43
N ILE B 245 24.34 -26.35 -6.25
CA ILE B 245 24.08 -26.94 -4.90
C ILE B 245 25.37 -27.61 -4.47
N VAL B 246 25.83 -27.34 -3.25
CA VAL B 246 27.06 -27.97 -2.71
C VAL B 246 26.70 -28.58 -1.34
N LEU B 247 27.28 -29.74 -1.04
CA LEU B 247 27.14 -30.54 0.20
C LEU B 247 28.42 -30.33 0.99
N PRO B 248 28.39 -30.43 2.33
CA PRO B 248 29.61 -30.27 3.13
C PRO B 248 30.62 -31.36 2.77
N GLU B 249 31.91 -31.09 2.97
CA GLU B 249 33.00 -32.11 2.99
C GLU B 249 33.45 -32.19 4.43
N LYS B 250 33.28 -33.32 5.13
CA LYS B 250 33.70 -33.39 6.56
C LYS B 250 34.48 -34.68 6.75
N ASP B 251 35.30 -34.73 7.80
CA ASP B 251 35.96 -35.97 8.29
C ASP B 251 35.04 -36.59 9.36
N SER B 252 34.33 -35.77 10.12
CA SER B 252 33.44 -36.16 11.26
C SER B 252 32.04 -35.70 10.94
N TRP B 253 31.11 -36.63 10.85
CA TRP B 253 29.66 -36.33 10.75
C TRP B 253 28.98 -36.67 12.08
N THR B 254 28.30 -35.71 12.69
CA THR B 254 27.32 -35.98 13.77
C THR B 254 25.98 -36.42 13.17
N VAL B 255 25.12 -37.01 14.00
CA VAL B 255 23.71 -37.33 13.64
C VAL B 255 23.04 -36.08 13.09
N ASN B 256 23.18 -34.95 13.80
CA ASN B 256 22.59 -33.69 13.29
C ASN B 256 23.15 -33.40 11.88
N ASP B 257 24.47 -33.46 11.69
CA ASP B 257 25.06 -33.14 10.36
C ASP B 257 24.38 -34.02 9.30
N ILE B 258 24.16 -35.30 9.59
CA ILE B 258 23.57 -36.26 8.60
C ILE B 258 22.06 -36.00 8.41
N GLN B 259 21.34 -35.65 9.46
CA GLN B 259 19.90 -35.25 9.34
C GLN B 259 19.77 -34.06 8.38
N LYS B 260 20.64 -33.05 8.50
CA LYS B 260 20.56 -31.83 7.65
C LYS B 260 20.94 -32.19 6.21
N LEU B 261 22.01 -32.99 6.02
CA LEU B 261 22.42 -33.48 4.67
C LEU B 261 21.23 -34.21 4.02
N VAL B 262 20.59 -35.14 4.72
CA VAL B 262 19.45 -35.92 4.13
C VAL B 262 18.32 -34.92 3.76
N GLY B 263 18.06 -33.92 4.61
CA GLY B 263 17.07 -32.84 4.36
C GLY B 263 17.36 -32.11 3.06
N LYS B 264 18.58 -31.66 2.89
CA LYS B 264 19.02 -30.92 1.69
C LYS B 264 19.01 -31.88 0.48
N LEU B 265 19.46 -33.13 0.63
CA LEU B 265 19.49 -34.06 -0.54
C LEU B 265 18.05 -34.33 -0.99
N ASN B 266 17.11 -34.54 -0.06
CA ASN B 266 15.68 -34.82 -0.35
C ASN B 266 15.08 -33.61 -1.11
N TRP B 267 15.40 -32.40 -0.67
CA TRP B 267 14.93 -31.17 -1.34
C TRP B 267 15.53 -31.12 -2.75
N ALA B 268 16.85 -31.31 -2.83
CA ALA B 268 17.58 -31.29 -4.11
C ALA B 268 16.96 -32.32 -5.06
N SER B 269 16.34 -33.39 -4.51
CA SER B 269 15.80 -34.54 -5.29
C SER B 269 14.61 -34.09 -6.15
N GLN B 270 13.99 -32.95 -5.84
CA GLN B 270 12.83 -32.38 -6.62
C GLN B 270 13.34 -31.68 -7.89
N ILE B 271 14.63 -31.35 -7.92
CA ILE B 271 15.28 -30.58 -9.00
C ILE B 271 16.05 -31.58 -9.87
N TYR B 272 16.74 -32.52 -9.23
CA TYR B 272 17.72 -33.47 -9.84
C TYR B 272 17.26 -34.92 -9.71
N PRO B 273 17.58 -35.79 -10.71
CA PRO B 273 16.84 -37.04 -10.91
C PRO B 273 17.16 -38.12 -9.87
N GLY B 274 18.40 -38.57 -9.90
CA GLY B 274 18.82 -39.83 -9.28
C GLY B 274 19.52 -39.55 -7.97
N ILE B 275 19.11 -38.46 -7.30
CA ILE B 275 19.61 -38.14 -5.94
C ILE B 275 18.99 -39.20 -5.03
N LYS B 276 19.83 -39.96 -4.33
CA LYS B 276 19.39 -41.06 -3.44
C LYS B 276 19.83 -40.73 -2.01
N VAL B 277 18.95 -41.01 -1.03
CA VAL B 277 19.18 -40.80 0.44
C VAL B 277 19.01 -42.09 1.25
N ARG B 278 18.73 -43.23 0.59
CA ARG B 278 18.42 -44.51 1.27
C ARG B 278 19.59 -44.92 2.18
N GLN B 279 20.82 -44.84 1.69
CA GLN B 279 22.02 -45.34 2.40
C GLN B 279 22.43 -44.37 3.51
N LEU B 280 22.17 -43.06 3.36
CA LEU B 280 22.49 -42.05 4.40
C LEU B 280 21.39 -42.07 5.47
N SER B 281 20.12 -42.10 5.07
CA SER B 281 18.95 -42.40 5.95
C SER B 281 19.21 -43.63 6.82
N LYS B 282 19.81 -44.66 6.24
CA LYS B 282 20.19 -45.93 6.94
C LYS B 282 20.93 -45.55 8.22
N LEU B 283 21.90 -44.64 8.12
CA LEU B 283 22.74 -44.20 9.27
C LEU B 283 21.85 -43.58 10.37
N LEU B 284 20.65 -43.07 10.06
CA LEU B 284 19.81 -42.26 10.99
C LEU B 284 18.73 -43.10 11.70
N ARG B 285 18.77 -44.43 11.54
CA ARG B 285 17.72 -45.40 11.97
C ARG B 285 17.57 -45.38 13.49
N GLY B 286 18.67 -45.27 14.21
CA GLY B 286 18.68 -45.35 15.68
C GLY B 286 18.15 -44.08 16.33
N THR B 287 18.01 -44.13 17.64
CA THR B 287 17.54 -43.04 18.51
C THR B 287 18.77 -42.42 19.17
N LYS B 288 19.73 -41.97 18.39
CA LYS B 288 21.02 -41.51 18.96
C LYS B 288 20.96 -40.02 19.30
N ALA B 289 21.80 -39.61 20.24
CA ALA B 289 22.03 -38.20 20.61
C ALA B 289 22.41 -37.40 19.35
N LEU B 290 21.88 -36.18 19.17
CA LEU B 290 22.06 -35.37 17.93
C LEU B 290 23.53 -34.99 17.73
N THR B 291 24.31 -34.85 18.81
CA THR B 291 25.74 -34.41 18.77
C THR B 291 26.70 -35.60 18.67
N GLU B 292 26.20 -36.82 18.59
CA GLU B 292 27.05 -38.02 18.52
C GLU B 292 27.59 -38.21 17.11
N VAL B 293 28.88 -38.54 17.01
CA VAL B 293 29.56 -38.78 15.71
C VAL B 293 29.17 -40.17 15.20
N ILE B 294 28.83 -40.25 13.92
CA ILE B 294 28.50 -41.49 13.16
C ILE B 294 29.56 -41.68 12.08
N PRO B 295 30.30 -42.81 12.06
CA PRO B 295 31.16 -43.13 10.93
C PRO B 295 30.24 -43.44 9.75
N LEU B 296 30.49 -42.88 8.57
CA LEU B 296 29.72 -43.25 7.35
C LEU B 296 30.09 -44.69 6.98
N THR B 297 29.09 -45.48 6.61
CA THR B 297 29.25 -46.79 5.94
C THR B 297 29.89 -46.56 4.58
N GLU B 298 30.18 -47.63 3.84
CA GLU B 298 30.87 -47.59 2.52
C GLU B 298 29.81 -47.28 1.46
N GLU B 299 28.60 -47.82 1.62
CA GLU B 299 27.46 -47.53 0.71
C GLU B 299 27.08 -46.05 0.87
N ALA B 300 27.13 -45.50 2.08
CA ALA B 300 26.75 -44.11 2.40
C ALA B 300 27.73 -43.14 1.73
N GLU B 301 29.04 -43.45 1.81
CA GLU B 301 30.12 -42.62 1.22
C GLU B 301 30.01 -42.64 -0.32
N LEU B 302 29.55 -43.74 -0.92
CA LEU B 302 29.42 -43.81 -2.40
C LEU B 302 28.17 -43.06 -2.81
N GLU B 303 27.05 -43.29 -2.12
CA GLU B 303 25.79 -42.56 -2.40
C GLU B 303 26.06 -41.03 -2.38
N LEU B 304 26.81 -40.55 -1.38
CA LEU B 304 27.17 -39.12 -1.21
C LEU B 304 28.03 -38.62 -2.38
N ALA B 305 29.11 -39.33 -2.70
CA ALA B 305 29.98 -39.10 -3.88
C ALA B 305 29.16 -39.02 -5.16
N GLU B 306 28.23 -39.97 -5.36
CA GLU B 306 27.32 -40.04 -6.53
C GLU B 306 26.49 -38.76 -6.61
N ASN B 307 25.87 -38.37 -5.48
CA ASN B 307 24.97 -37.20 -5.41
C ASN B 307 25.77 -35.93 -5.77
N ARG B 308 26.99 -35.83 -5.28
CA ARG B 308 27.89 -34.72 -5.64
C ARG B 308 28.02 -34.63 -7.17
N GLU B 309 28.44 -35.74 -7.79
CA GLU B 309 28.58 -35.88 -9.27
C GLU B 309 27.34 -35.28 -9.96
N ILE B 310 26.17 -35.71 -9.48
CA ILE B 310 24.86 -35.33 -10.09
C ILE B 310 24.66 -33.82 -9.97
N LEU B 311 25.15 -33.21 -8.88
CA LEU B 311 24.86 -31.78 -8.59
C LEU B 311 25.79 -30.87 -9.42
N LYS B 312 26.87 -31.42 -9.98
CA LYS B 312 27.88 -30.65 -10.76
C LYS B 312 27.49 -30.59 -12.23
N GLU B 313 26.29 -31.05 -12.57
CA GLU B 313 25.73 -31.01 -13.93
C GLU B 313 24.68 -29.92 -14.04
N PRO B 314 24.08 -29.71 -15.23
CA PRO B 314 22.92 -28.85 -15.37
C PRO B 314 21.66 -29.57 -14.89
N VAL B 315 20.66 -28.79 -14.49
CA VAL B 315 19.23 -29.19 -14.42
C VAL B 315 18.78 -29.55 -15.84
N HIS B 316 17.96 -30.61 -15.98
CA HIS B 316 17.52 -31.21 -17.26
CA HIS B 316 17.56 -31.15 -17.30
C HIS B 316 16.22 -30.54 -17.73
N GLY B 317 16.18 -30.09 -18.99
CA GLY B 317 14.97 -29.52 -19.62
C GLY B 317 14.61 -28.14 -19.09
N VAL B 318 15.61 -27.25 -18.91
CA VAL B 318 15.36 -25.86 -18.45
C VAL B 318 15.55 -24.90 -19.62
N TYR B 319 14.49 -24.20 -19.96
CA TYR B 319 14.45 -23.24 -21.09
C TYR B 319 13.66 -22.00 -20.67
N TYR B 320 14.04 -20.83 -21.15
CA TYR B 320 13.19 -19.61 -21.09
C TYR B 320 11.98 -19.74 -22.04
N ASP B 321 10.86 -19.11 -21.69
CA ASP B 321 9.60 -19.06 -22.49
C ASP B 321 9.03 -17.64 -22.45
N PRO B 322 9.19 -16.82 -23.51
CA PRO B 322 8.81 -15.40 -23.44
C PRO B 322 7.29 -15.19 -23.31
N SER B 323 6.49 -16.26 -23.40
CA SER B 323 5.02 -16.23 -23.19
C SER B 323 4.66 -16.24 -21.69
N LYS B 324 5.58 -16.67 -20.80
CA LYS B 324 5.28 -16.91 -19.36
C LYS B 324 5.97 -15.87 -18.48
N ASP B 325 5.37 -15.65 -17.31
CA ASP B 325 5.85 -14.72 -16.24
C ASP B 325 7.18 -15.25 -15.72
N LEU B 326 8.15 -14.36 -15.51
CA LEU B 326 9.31 -14.62 -14.61
C LEU B 326 8.88 -14.37 -13.15
N ILE B 327 9.16 -15.32 -12.26
CA ILE B 327 8.89 -15.24 -10.79
C ILE B 327 10.22 -15.19 -10.05
N ALA B 328 10.41 -14.22 -9.16
CA ALA B 328 11.64 -14.07 -8.35
C ALA B 328 11.29 -14.20 -6.88
N GLU B 329 11.94 -15.14 -6.20
CA GLU B 329 11.84 -15.39 -4.76
C GLU B 329 13.11 -14.89 -4.08
N ILE B 330 12.97 -14.32 -2.88
CA ILE B 330 14.09 -13.73 -2.07
C ILE B 330 13.98 -14.28 -0.64
N GLN B 331 15.07 -14.81 -0.08
CA GLN B 331 15.17 -15.20 1.33
C GLN B 331 16.18 -14.27 2.03
N LYS B 332 15.80 -13.84 3.24
CA LYS B 332 16.65 -13.15 4.24
C LYS B 332 17.52 -14.20 4.96
N GLN B 333 18.83 -14.15 4.79
CA GLN B 333 19.76 -15.18 5.34
C GLN B 333 20.40 -14.66 6.64
N GLY B 334 20.20 -13.37 6.95
CA GLY B 334 20.83 -12.69 8.09
C GLY B 334 22.22 -12.12 7.77
N GLN B 335 22.67 -11.20 8.61
CA GLN B 335 23.98 -10.50 8.52
C GLN B 335 24.09 -9.80 7.18
N GLY B 336 23.00 -9.26 6.70
CA GLY B 336 22.97 -8.49 5.43
C GLY B 336 23.09 -9.38 4.21
N GLN B 337 22.88 -10.67 4.32
CA GLN B 337 22.95 -11.60 3.15
C GLN B 337 21.55 -11.98 2.67
N TRP B 338 21.34 -12.00 1.35
CA TRP B 338 20.04 -12.36 0.74
C TRP B 338 20.24 -13.31 -0.42
N THR B 339 19.40 -14.33 -0.52
CA THR B 339 19.43 -15.29 -1.63
C THR B 339 18.24 -15.00 -2.52
N TYR B 340 18.38 -15.32 -3.80
CA TYR B 340 17.27 -15.23 -4.78
C TYR B 340 17.40 -16.31 -5.85
N GLN B 341 16.25 -16.56 -6.46
CA GLN B 341 16.02 -17.49 -7.57
C GLN B 341 14.95 -16.88 -8.48
N ILE B 342 15.18 -16.96 -9.80
CA ILE B 342 14.26 -16.53 -10.88
C ILE B 342 13.90 -17.78 -11.65
N TYR B 343 12.61 -18.10 -11.76
CA TYR B 343 12.12 -19.28 -12.48
C TYR B 343 10.80 -18.91 -13.17
N GLN B 344 10.27 -19.85 -13.96
CA GLN B 344 8.90 -19.80 -14.51
C GLN B 344 8.13 -21.04 -14.04
N GLU B 345 8.85 -22.14 -13.86
CA GLU B 345 8.30 -23.43 -13.37
C GLU B 345 9.11 -23.77 -12.13
N PRO B 346 8.43 -24.03 -10.98
CA PRO B 346 9.13 -24.45 -9.78
C PRO B 346 10.14 -25.57 -10.07
N PHE B 347 11.37 -25.40 -9.59
CA PHE B 347 12.49 -26.39 -9.64
C PHE B 347 13.20 -26.31 -11.00
N LYS B 348 12.82 -25.35 -11.84
CA LYS B 348 13.50 -25.02 -13.13
C LYS B 348 14.04 -23.59 -13.02
N ASN B 349 15.18 -23.41 -12.36
CA ASN B 349 15.73 -22.07 -12.06
C ASN B 349 16.46 -21.60 -13.31
N LEU B 350 16.22 -20.37 -13.72
CA LEU B 350 16.82 -19.75 -14.92
C LEU B 350 18.00 -18.88 -14.50
N LYS B 351 17.94 -18.40 -13.26
CA LYS B 351 19.04 -17.72 -12.54
C LYS B 351 18.84 -17.90 -11.03
N THR B 352 19.92 -18.13 -10.28
CA THR B 352 19.93 -18.00 -8.79
C THR B 352 21.07 -17.07 -8.39
N GLY B 353 21.04 -16.51 -7.17
CA GLY B 353 22.03 -15.46 -6.82
C GLY B 353 22.02 -15.20 -5.35
N LYS B 354 22.98 -14.40 -4.91
CA LYS B 354 23.17 -13.99 -3.49
C LYS B 354 23.57 -12.54 -3.48
N TYR B 355 23.35 -11.88 -2.35
CA TYR B 355 23.79 -10.50 -2.05
C TYR B 355 24.09 -10.35 -0.57
N ALA B 356 25.34 -9.96 -0.28
CA ALA B 356 25.98 -9.92 1.04
C ALA B 356 26.30 -8.49 1.48
N ARG B 357 26.43 -7.56 0.53
CA ARG B 357 27.18 -6.29 0.74
C ARG B 357 26.23 -5.10 0.77
N MET B 358 24.92 -5.37 0.85
CA MET B 358 23.84 -4.42 0.48
C MET B 358 24.07 -3.09 1.23
N ARG B 359 23.89 -1.97 0.51
CA ARG B 359 24.61 -0.67 0.70
C ARG B 359 24.14 0.09 1.96
N GLY B 360 25.10 0.44 2.83
CA GLY B 360 24.99 1.41 3.93
C GLY B 360 23.77 1.20 4.82
N ALA B 361 23.07 0.08 4.60
CA ALA B 361 21.90 -0.40 5.36
C ALA B 361 22.37 -1.62 6.15
N HIS B 362 22.95 -1.38 7.32
CA HIS B 362 23.54 -2.44 8.19
C HIS B 362 22.55 -2.73 9.33
N THR B 363 21.61 -1.79 9.58
CA THR B 363 20.50 -1.93 10.56
C THR B 363 19.12 -1.67 9.91
N ASN B 364 18.97 -1.80 8.57
CA ASN B 364 17.65 -1.55 7.91
C ASN B 364 17.34 -2.64 6.88
N ASP B 365 16.56 -3.62 7.33
CA ASP B 365 16.19 -4.82 6.53
C ASP B 365 15.43 -4.42 5.26
N VAL B 366 14.55 -3.41 5.39
CA VAL B 366 13.66 -2.99 4.27
C VAL B 366 14.49 -2.27 3.20
N LYS B 367 15.38 -1.36 3.58
CA LYS B 367 16.31 -0.75 2.59
C LYS B 367 17.06 -1.86 1.82
N GLN B 368 17.50 -2.90 2.54
CA GLN B 368 18.26 -4.03 1.93
C GLN B 368 17.35 -4.77 0.94
N LEU B 369 16.16 -5.16 1.38
CA LEU B 369 15.22 -5.86 0.46
C LEU B 369 15.01 -4.99 -0.78
N THR B 370 14.77 -3.70 -0.59
CA THR B 370 14.48 -2.75 -1.69
C THR B 370 15.67 -2.70 -2.67
N GLU B 371 16.92 -2.77 -2.22
CA GLU B 371 18.10 -2.70 -3.12
CA GLU B 371 18.07 -2.68 -3.17
C GLU B 371 18.23 -4.03 -3.88
N ALA B 372 18.00 -5.13 -3.17
CA ALA B 372 18.01 -6.49 -3.74
C ALA B 372 16.99 -6.59 -4.88
N VAL B 373 15.79 -6.02 -4.68
CA VAL B 373 14.69 -6.09 -5.70
C VAL B 373 15.14 -5.33 -6.95
N GLN B 374 15.73 -4.14 -6.77
CA GLN B 374 16.28 -3.31 -7.87
C GLN B 374 17.37 -4.09 -8.63
N LYS B 375 18.40 -4.57 -7.94
CA LYS B 375 19.49 -5.38 -8.53
C LYS B 375 18.92 -6.61 -9.26
N ILE B 376 17.95 -7.29 -8.64
CA ILE B 376 17.39 -8.50 -9.29
C ILE B 376 16.64 -8.06 -10.55
N THR B 377 15.94 -6.93 -10.46
CA THR B 377 15.12 -6.46 -11.60
C THR B 377 16.07 -6.05 -12.74
N THR B 378 17.16 -5.37 -12.42
CA THR B 378 18.18 -4.99 -13.42
C THR B 378 18.70 -6.26 -14.12
N GLU B 379 19.15 -7.25 -13.35
CA GLU B 379 19.67 -8.49 -13.97
C GLU B 379 18.63 -9.00 -14.95
N SER B 380 17.36 -8.97 -14.53
N SER B 380 17.36 -8.99 -14.54
CA SER B 380 16.22 -9.56 -15.29
CA SER B 380 16.24 -9.57 -15.31
C SER B 380 16.02 -8.82 -16.61
C SER B 380 16.06 -8.82 -16.63
N ILE B 381 16.25 -7.50 -16.61
CA ILE B 381 16.10 -6.66 -17.82
C ILE B 381 17.18 -7.08 -18.82
N VAL B 382 18.43 -7.18 -18.32
CA VAL B 382 19.60 -7.54 -19.19
C VAL B 382 19.39 -8.92 -19.84
N ILE B 383 18.89 -9.93 -19.11
CA ILE B 383 18.82 -11.34 -19.62
C ILE B 383 17.62 -11.51 -20.56
N TRP B 384 16.40 -11.13 -20.14
CA TRP B 384 15.15 -11.46 -20.88
C TRP B 384 14.44 -10.20 -21.38
N GLY B 385 15.00 -9.02 -21.14
CA GLY B 385 14.30 -7.73 -21.42
C GLY B 385 12.91 -7.64 -20.79
N LYS B 386 12.72 -8.14 -19.57
CA LYS B 386 11.44 -7.91 -18.85
C LYS B 386 11.64 -8.14 -17.34
N THR B 387 10.76 -7.54 -16.53
CA THR B 387 10.84 -7.55 -15.06
C THR B 387 10.09 -8.77 -14.53
N PRO B 388 10.55 -9.38 -13.43
CA PRO B 388 9.84 -10.51 -12.84
C PRO B 388 8.79 -10.07 -11.80
N LYS B 389 7.98 -11.02 -11.38
CA LYS B 389 6.99 -10.86 -10.30
C LYS B 389 7.70 -11.27 -9.02
N PHE B 390 7.88 -10.37 -8.06
CA PHE B 390 8.58 -10.75 -6.80
C PHE B 390 7.66 -11.44 -5.79
N LYS B 391 8.23 -12.36 -5.03
CA LYS B 391 7.64 -12.89 -3.78
C LYS B 391 8.52 -12.42 -2.62
N LEU B 392 8.10 -11.35 -1.93
CA LEU B 392 8.90 -10.64 -0.88
C LEU B 392 8.66 -11.26 0.49
N PRO B 393 9.75 -11.53 1.28
CA PRO B 393 9.63 -12.07 2.63
C PRO B 393 9.42 -10.89 3.58
N ILE B 394 8.23 -10.30 3.48
CA ILE B 394 7.81 -9.09 4.24
C ILE B 394 6.28 -9.00 4.29
N GLN B 395 5.75 -8.42 5.37
CA GLN B 395 4.31 -8.10 5.52
C GLN B 395 4.03 -6.93 4.60
N LYS B 396 2.90 -7.02 3.88
CA LYS B 396 2.42 -6.00 2.92
C LYS B 396 2.51 -4.60 3.53
N GLU B 397 1.97 -4.41 4.71
CA GLU B 397 1.81 -3.09 5.38
C GLU B 397 3.21 -2.51 5.69
N THR B 398 4.17 -3.32 6.14
CA THR B 398 5.57 -2.82 6.31
C THR B 398 6.12 -2.42 4.94
N TRP B 399 6.07 -3.31 3.94
CA TRP B 399 6.60 -2.99 2.59
C TRP B 399 5.96 -1.71 2.05
N GLU B 400 4.62 -1.60 2.08
CA GLU B 400 3.88 -0.50 1.41
C GLU B 400 4.09 0.82 2.17
N THR B 401 4.44 0.77 3.45
CA THR B 401 4.82 1.98 4.20
C THR B 401 6.14 2.53 3.65
N TRP B 402 7.15 1.69 3.39
CA TRP B 402 8.57 2.14 3.36
C TRP B 402 9.29 2.05 1.99
N TRP B 403 8.88 1.24 1.00
CA TRP B 403 9.75 0.92 -0.18
C TRP B 403 10.15 2.20 -0.92
N THR B 404 9.23 3.15 -1.03
CA THR B 404 9.40 4.40 -1.84
C THR B 404 10.50 5.29 -1.22
N GLU B 405 10.88 5.09 0.04
CA GLU B 405 11.96 5.87 0.70
C GLU B 405 13.34 5.46 0.18
N TYR B 406 13.48 4.25 -0.38
CA TYR B 406 14.80 3.66 -0.72
C TYR B 406 14.93 3.37 -2.22
N TRP B 407 13.88 3.67 -3.00
CA TRP B 407 13.75 3.29 -4.44
C TRP B 407 14.50 4.29 -5.32
N GLN B 408 15.25 3.81 -6.31
CA GLN B 408 16.17 4.67 -7.10
C GLN B 408 15.88 4.51 -8.59
N ALA B 409 15.21 3.44 -9.00
CA ALA B 409 14.91 3.11 -10.42
C ALA B 409 13.62 3.79 -10.90
N THR B 410 13.53 3.91 -12.22
CA THR B 410 12.50 4.68 -12.99
C THR B 410 11.42 3.71 -13.48
N TRP B 411 11.68 2.39 -13.42
CA TRP B 411 10.66 1.31 -13.55
C TRP B 411 10.24 0.85 -12.15
N ILE B 412 9.14 0.12 -12.08
CA ILE B 412 8.66 -0.53 -10.83
C ILE B 412 8.12 -1.90 -11.23
N PRO B 413 8.69 -3.00 -10.71
CA PRO B 413 8.12 -4.32 -10.96
C PRO B 413 6.83 -4.53 -10.16
N GLU B 414 6.29 -5.75 -10.29
CA GLU B 414 5.15 -6.30 -9.53
C GLU B 414 5.70 -7.17 -8.39
N TRP B 415 4.94 -7.23 -7.30
CA TRP B 415 5.32 -8.04 -6.11
C TRP B 415 4.08 -8.57 -5.41
N GLU B 416 4.28 -9.68 -4.69
CA GLU B 416 3.33 -10.25 -3.70
C GLU B 416 4.14 -10.56 -2.40
N PHE B 417 3.46 -11.01 -1.37
CA PHE B 417 3.99 -11.19 0.01
C PHE B 417 3.95 -12.66 0.42
N VAL B 418 5.11 -13.23 0.81
CA VAL B 418 5.25 -14.49 1.59
C VAL B 418 4.95 -14.26 3.09
N ASN B 419 4.02 -15.02 3.66
CA ASN B 419 3.53 -14.86 5.06
C ASN B 419 3.84 -16.11 5.87
N THR B 420 4.38 -17.13 5.23
CA THR B 420 4.71 -18.41 5.88
C THR B 420 6.18 -18.65 5.61
N PRO B 421 6.99 -18.94 6.64
CA PRO B 421 8.42 -19.06 6.47
C PRO B 421 8.79 -20.33 5.71
N PRO B 422 9.49 -20.21 4.57
CA PRO B 422 10.06 -21.38 3.89
C PRO B 422 10.99 -22.23 4.77
N LEU B 423 10.92 -23.56 4.70
CA LEU B 423 11.97 -24.44 5.28
C LEU B 423 13.30 -24.24 4.52
N VAL B 424 13.20 -24.07 3.19
CA VAL B 424 14.26 -24.04 2.13
C VAL B 424 15.42 -23.05 2.41
N LYS B 425 15.20 -22.01 3.23
CA LYS B 425 16.15 -20.86 3.41
C LYS B 425 17.58 -21.40 3.52
N LEU B 426 17.73 -22.35 4.44
CA LEU B 426 18.90 -23.21 4.71
C LEU B 426 19.48 -23.70 3.39
N TRP B 427 18.69 -24.46 2.61
CA TRP B 427 19.18 -25.24 1.45
C TRP B 427 19.95 -24.28 0.51
N TYR B 428 19.71 -22.98 0.62
CA TYR B 428 20.50 -21.91 -0.08
C TYR B 428 21.50 -21.22 0.87
N GLN B 429 21.52 -21.53 2.17
CA GLN B 429 22.34 -20.75 3.15
C GLN B 429 23.82 -20.97 2.86
N1 VM5 C . -16.07 25.23 10.34
C7 VM5 C . -14.90 25.22 10.18
C1 VM5 C . -13.42 25.09 9.97
C6 VM5 C . -12.61 26.17 10.22
C2 VM5 C . -12.86 23.88 9.51
C3 VM5 C . -11.50 23.80 9.32
CL1 VM5 C . -10.81 22.23 8.73
C4 VM5 C . -10.69 24.92 9.58
C5 VM5 C . -11.25 26.09 10.06
O1 VM5 C . -10.54 27.23 10.35
C8 VM5 C . -9.31 27.13 10.93
C13 VM5 C . -9.15 26.63 12.21
F VM5 C . -10.28 26.19 13.01
C9 VM5 C . -8.25 27.56 10.17
BR VM5 C . -8.59 28.24 8.40
C10 VM5 C . -6.96 27.50 10.71
C11 VM5 C . -6.78 27.01 11.98
C12 VM5 C . -7.86 26.57 12.73
C14 VM5 C . -7.65 26.14 14.06
C15 VM5 C . -7.62 27.50 14.80
O2 VM5 C . -6.57 28.14 14.93
N2 VM5 C . -8.88 27.86 15.20
C16 VM5 C . -9.24 29.08 15.61
C21 VM5 C . -10.61 29.24 15.91
CL2 VM5 C . -11.78 27.85 15.91
C20 VM5 C . -11.05 30.53 16.23
C19 VM5 C . -10.18 31.64 16.26
S VM5 C . -10.77 33.40 16.66
O3 VM5 C . -10.85 34.12 15.33
O4 VM5 C . -12.12 33.31 17.33
N3 VM5 C . -9.70 34.09 17.64
C18 VM5 C . -8.85 31.45 15.93
C17 VM5 C . -8.39 30.19 15.61
#